data_8F9D
#
_entry.id   8F9D
#
_cell.length_a   101.529
_cell.length_b   101.529
_cell.length_c   321.926
_cell.angle_alpha   90.00
_cell.angle_beta   90.00
_cell.angle_gamma   120.00
#
_symmetry.space_group_name_H-M   'P 61'
#
loop_
_entity.id
_entity.type
_entity.pdbx_description
1 polymer Procaspase-6
2 non-polymer 5-fluoro-2-({[(3M)-3-(1,2,4-oxadiazol-3-yl)pyridin-2-yl]amino}methyl)phenol
3 non-polymer 'PENTAETHYLENE GLYCOL'
4 non-polymer 1,2-ETHANEDIOL
5 non-polymer DI(HYDROXYETHYL)ETHER
6 water water
#
_entity_poly.entity_id   1
_entity_poly.type   'polypeptide(L)'
_entity_poly.pdbx_seq_one_letter_code
;MSSASGLRRGHPAGGEENMTETDAFYKREMFDPAEKYKMDHRRRGIALIFNHERFFWHLTLPERRGTCADRDNLTRRFSD
LGFEVKCFNDLKAEELLLKIHEVSTVSHADADCFVCVFLSHGEGNHIYAYDAKIEIQTLTGLFKGDKCHSLVGKPKIFII
QAARGNQHDVPVIPLDVVDNQTEKLDTNITEVDAASVYTLPAGADFLMCYSVAEGYYSHRETVNGSWYIQDLCEMLGKYG
SSLEFTELLTLVNRKVSQRRVDFCKDPSAIGKKQVPCFASMLTKKLHFFPKSNENLYFQ
;
_entity_poly.pdbx_strand_id   A,B,C,D
#
loop_
_chem_comp.id
_chem_comp.type
_chem_comp.name
_chem_comp.formula
1PE non-polymer 'PENTAETHYLENE GLYCOL' 'C10 H22 O6'
EDO non-polymer 1,2-ETHANEDIOL 'C2 H6 O2'
PEG non-polymer DI(HYDROXYETHYL)ETHER 'C4 H10 O3'
XNK non-polymer 5-fluoro-2-({[(3M)-3-(1,2,4-oxadiazol-3-yl)pyridin-2-yl]amino}methyl)phenol 'C14 H11 F N4 O2'
#
# COMPACT_ATOMS: atom_id res chain seq x y z
N MET A 30 -26.35 -12.39 32.23
CA MET A 30 -25.31 -13.20 32.93
C MET A 30 -23.95 -12.96 32.26
N PHE A 31 -23.51 -11.69 32.05
CA PHE A 31 -22.24 -11.34 31.35
C PHE A 31 -21.02 -11.60 32.24
N ASP A 32 -19.99 -12.29 31.74
CA ASP A 32 -18.91 -12.88 32.59
C ASP A 32 -17.54 -12.36 32.18
N PRO A 33 -16.87 -11.52 33.00
CA PRO A 33 -15.54 -11.01 32.65
C PRO A 33 -14.45 -12.08 32.48
N ALA A 34 -14.65 -13.31 32.97
CA ALA A 34 -13.62 -14.38 32.92
C ALA A 34 -14.05 -15.49 31.95
N GLU A 35 -14.92 -15.20 30.99
CA GLU A 35 -15.49 -16.23 30.07
C GLU A 35 -14.35 -16.80 29.23
N LYS A 36 -14.32 -18.14 29.12
CA LYS A 36 -13.33 -18.95 28.39
C LYS A 36 -13.99 -19.53 27.13
N TYR A 37 -13.26 -19.64 26.04
CA TYR A 37 -13.69 -20.44 24.87
C TYR A 37 -13.99 -21.85 25.41
N LYS A 38 -15.04 -22.50 24.89
CA LYS A 38 -15.33 -23.91 25.24
C LYS A 38 -14.26 -24.80 24.59
N MET A 39 -13.43 -25.44 25.43
CA MET A 39 -12.26 -26.24 24.98
C MET A 39 -12.40 -27.67 25.48
N ASP A 40 -13.63 -28.21 25.44
CA ASP A 40 -14.08 -29.53 25.98
C ASP A 40 -14.72 -30.38 24.85
N HIS A 41 -14.40 -30.11 23.58
CA HIS A 41 -14.83 -30.93 22.42
C HIS A 41 -14.05 -32.26 22.43
N ARG A 42 -14.43 -33.21 21.58
CA ARG A 42 -13.84 -34.58 21.58
C ARG A 42 -12.34 -34.45 21.27
N ARG A 43 -11.95 -33.78 20.17
CA ARG A 43 -10.53 -33.55 19.79
C ARG A 43 -10.18 -32.07 19.98
N ARG A 44 -8.90 -31.77 20.15
CA ARG A 44 -8.38 -30.38 20.21
C ARG A 44 -8.55 -29.69 18.86
N GLY A 45 -8.05 -30.33 17.79
CA GLY A 45 -8.19 -29.82 16.41
C GLY A 45 -6.93 -29.98 15.59
N ILE A 46 -6.95 -29.46 14.35
CA ILE A 46 -5.79 -29.61 13.43
C ILE A 46 -4.82 -28.43 13.62
N ALA A 47 -3.52 -28.72 13.59
CA ALA A 47 -2.44 -27.72 13.41
C ALA A 47 -1.77 -27.94 12.05
N LEU A 48 -2.09 -27.10 11.06
CA LEU A 48 -1.36 -27.09 9.76
C LEU A 48 0.00 -26.44 9.95
N ILE A 49 1.05 -27.01 9.37
CA ILE A 49 2.38 -26.35 9.23
C ILE A 49 2.83 -26.41 7.77
N PHE A 50 2.82 -25.27 7.11
CA PHE A 50 3.43 -25.10 5.77
C PHE A 50 4.89 -24.67 5.98
N ASN A 51 5.83 -25.49 5.54
CA ASN A 51 7.26 -25.32 5.86
C ASN A 51 8.05 -25.17 4.56
N HIS A 52 8.64 -23.99 4.35
CA HIS A 52 9.32 -23.60 3.09
C HIS A 52 10.81 -23.35 3.36
N GLU A 53 11.66 -24.19 2.75
CA GLU A 53 13.13 -24.19 2.91
C GLU A 53 13.80 -23.68 1.64
N ARG A 54 13.31 -24.09 0.48
CA ARG A 54 13.85 -23.74 -0.86
C ARG A 54 12.72 -23.12 -1.69
N PHE A 55 13.10 -22.43 -2.77
CA PHE A 55 12.17 -21.70 -3.66
C PHE A 55 12.61 -21.85 -5.14
N PHE A 56 11.64 -21.90 -6.03
CA PHE A 56 11.83 -21.76 -7.50
C PHE A 56 12.95 -20.77 -7.83
N TRP A 57 13.89 -21.15 -8.72
CA TRP A 57 15.09 -20.33 -9.04
C TRP A 57 14.66 -18.88 -9.32
N HIS A 58 13.66 -18.67 -10.19
CA HIS A 58 13.34 -17.36 -10.82
C HIS A 58 12.63 -16.41 -9.84
N LEU A 59 12.54 -16.80 -8.56
CA LEU A 59 12.08 -15.91 -7.46
C LEU A 59 13.28 -15.22 -6.79
N THR A 60 14.47 -15.83 -6.87
CA THR A 60 15.72 -15.28 -6.26
C THR A 60 15.49 -15.04 -4.76
N LEU A 61 15.04 -16.07 -4.06
CA LEU A 61 14.85 -16.04 -2.59
C LEU A 61 15.81 -17.07 -2.01
N PRO A 62 16.48 -16.74 -0.90
CA PRO A 62 17.46 -17.64 -0.31
C PRO A 62 16.81 -18.83 0.41
N GLU A 63 17.54 -19.95 0.49
CA GLU A 63 17.21 -21.10 1.36
C GLU A 63 16.98 -20.59 2.78
N ARG A 64 16.10 -21.24 3.53
CA ARG A 64 15.84 -20.88 4.94
C ARG A 64 16.41 -22.03 5.81
N ARG A 65 17.73 -22.22 5.76
CA ARG A 65 18.43 -23.26 6.56
C ARG A 65 18.03 -23.07 8.02
N GLY A 66 17.40 -24.08 8.63
CA GLY A 66 16.95 -24.05 10.05
C GLY A 66 15.45 -24.23 10.16
N THR A 67 14.71 -23.98 9.08
CA THR A 67 13.22 -23.99 9.10
C THR A 67 12.74 -25.36 9.56
N CYS A 68 13.51 -26.43 9.30
CA CYS A 68 13.12 -27.82 9.66
C CYS A 68 13.14 -27.95 11.18
N ALA A 69 14.05 -27.26 11.87
CA ALA A 69 14.10 -27.27 13.35
C ALA A 69 12.79 -26.67 13.87
N ASP A 70 12.39 -25.54 13.27
CA ASP A 70 11.13 -24.83 13.63
C ASP A 70 9.96 -25.81 13.44
N ARG A 71 9.89 -26.47 12.29
CA ARG A 71 8.80 -27.42 11.94
C ARG A 71 8.74 -28.53 13.00
N ASP A 72 9.88 -29.11 13.38
CA ASP A 72 9.93 -30.31 14.25
C ASP A 72 9.56 -29.89 15.68
N ASN A 73 10.16 -28.78 16.15
CA ASN A 73 9.89 -28.17 17.48
C ASN A 73 8.39 -27.81 17.59
N LEU A 74 7.82 -27.16 16.58
CA LEU A 74 6.37 -26.81 16.58
C LEU A 74 5.58 -28.11 16.62
N THR A 75 5.91 -29.08 15.75
CA THR A 75 5.18 -30.36 15.66
C THR A 75 5.11 -30.98 17.05
N ARG A 76 6.24 -31.01 17.75
CA ARG A 76 6.29 -31.65 19.08
C ARG A 76 5.36 -30.87 20.02
N ARG A 77 5.48 -29.56 20.08
CA ARG A 77 4.82 -28.78 21.16
C ARG A 77 3.31 -28.79 20.98
N PHE A 78 2.86 -28.74 19.74
CA PHE A 78 1.41 -28.72 19.40
C PHE A 78 0.82 -30.12 19.57
N SER A 79 1.59 -31.18 19.27
CA SER A 79 1.20 -32.57 19.57
C SER A 79 0.90 -32.70 21.06
N ASP A 80 1.79 -32.21 21.93
CA ASP A 80 1.62 -32.40 23.40
C ASP A 80 0.41 -31.60 23.91
N LEU A 81 -0.16 -30.69 23.11
CA LEU A 81 -1.37 -29.92 23.53
C LEU A 81 -2.62 -30.55 22.92
N GLY A 82 -2.48 -31.65 22.18
CA GLY A 82 -3.60 -32.48 21.70
C GLY A 82 -3.92 -32.26 20.23
N PHE A 83 -3.08 -31.53 19.51
CA PHE A 83 -3.31 -31.18 18.08
C PHE A 83 -2.92 -32.37 17.23
N GLU A 84 -3.75 -32.67 16.22
CA GLU A 84 -3.37 -33.51 15.06
C GLU A 84 -2.52 -32.61 14.16
N VAL A 85 -1.19 -32.71 14.26
CA VAL A 85 -0.26 -31.85 13.47
C VAL A 85 -0.13 -32.42 12.07
N LYS A 86 -0.31 -31.61 11.03
CA LYS A 86 -0.12 -32.01 9.62
C LYS A 86 0.86 -31.04 8.97
N CYS A 87 2.11 -31.45 8.72
CA CYS A 87 3.18 -30.64 8.05
C CYS A 87 3.17 -30.87 6.54
N PHE A 88 3.60 -29.85 5.78
CA PHE A 88 3.75 -29.92 4.31
C PHE A 88 4.95 -29.09 3.86
N ASN A 89 5.90 -29.75 3.17
CA ASN A 89 7.22 -29.18 2.80
C ASN A 89 7.17 -28.69 1.35
N ASP A 90 7.42 -27.40 1.16
CA ASP A 90 7.78 -26.79 -0.14
C ASP A 90 6.65 -27.02 -1.15
N LEU A 91 5.39 -26.86 -0.73
CA LEU A 91 4.24 -26.95 -1.66
C LEU A 91 4.29 -25.79 -2.65
N LYS A 92 3.95 -26.04 -3.91
CA LYS A 92 3.66 -24.98 -4.90
C LYS A 92 2.31 -24.35 -4.51
N ALA A 93 1.98 -23.19 -5.08
CA ALA A 93 0.80 -22.41 -4.69
C ALA A 93 -0.45 -23.27 -4.86
N GLU A 94 -0.59 -23.96 -5.99
CA GLU A 94 -1.79 -24.79 -6.26
C GLU A 94 -1.92 -25.85 -5.17
N GLU A 95 -0.83 -26.56 -4.85
CA GLU A 95 -0.88 -27.68 -3.87
C GLU A 95 -1.30 -27.13 -2.51
N LEU A 96 -0.78 -25.95 -2.15
CA LEU A 96 -1.01 -25.33 -0.83
C LEU A 96 -2.48 -24.93 -0.74
N LEU A 97 -2.98 -24.21 -1.74
CA LEU A 97 -4.40 -23.76 -1.75
C LEU A 97 -5.31 -24.98 -1.67
N LEU A 98 -5.05 -26.05 -2.43
CA LEU A 98 -5.87 -27.29 -2.36
C LEU A 98 -5.81 -27.82 -0.93
N LYS A 99 -4.63 -27.93 -0.33
CA LYS A 99 -4.53 -28.59 1.00
C LYS A 99 -5.32 -27.76 2.01
N ILE A 100 -5.19 -26.44 1.96
CA ILE A 100 -5.78 -25.58 3.02
C ILE A 100 -7.29 -25.48 2.77
N HIS A 101 -7.72 -25.46 1.51
CA HIS A 101 -9.15 -25.45 1.14
C HIS A 101 -9.81 -26.77 1.58
N GLU A 102 -9.16 -27.89 1.31
CA GLU A 102 -9.55 -29.23 1.82
C GLU A 102 -9.83 -29.10 3.32
N VAL A 103 -8.86 -28.63 4.09
CA VAL A 103 -8.96 -28.57 5.58
C VAL A 103 -10.10 -27.60 5.96
N SER A 104 -10.38 -26.60 5.15
CA SER A 104 -11.42 -25.59 5.49
C SER A 104 -12.82 -26.20 5.35
N THR A 105 -13.01 -27.17 4.44
CA THR A 105 -14.35 -27.68 4.02
C THR A 105 -14.68 -29.01 4.70
N VAL A 106 -13.69 -29.71 5.25
CA VAL A 106 -13.91 -30.81 6.22
C VAL A 106 -14.62 -30.22 7.46
N SER A 107 -15.28 -31.06 8.26
CA SER A 107 -15.97 -30.68 9.52
C SER A 107 -14.95 -30.54 10.66
N HIS A 108 -15.01 -29.42 11.40
CA HIS A 108 -14.28 -29.20 12.68
C HIS A 108 -15.27 -29.22 13.86
N ALA A 109 -16.47 -29.76 13.62
CA ALA A 109 -17.61 -29.65 14.55
C ALA A 109 -17.22 -30.17 15.93
N ASP A 110 -16.38 -31.21 15.98
CA ASP A 110 -15.98 -31.92 17.22
C ASP A 110 -14.57 -31.47 17.65
N ALA A 111 -14.17 -30.25 17.29
CA ALA A 111 -12.83 -29.70 17.58
C ALA A 111 -12.95 -28.40 18.40
N ASP A 112 -11.99 -28.19 19.29
CA ASP A 112 -11.85 -26.97 20.11
C ASP A 112 -11.51 -25.77 19.23
N CYS A 113 -10.59 -25.94 18.28
CA CYS A 113 -9.98 -24.79 17.58
C CYS A 113 -9.18 -25.26 16.38
N PHE A 114 -8.56 -24.30 15.69
CA PHE A 114 -7.73 -24.51 14.49
C PHE A 114 -6.47 -23.64 14.58
N VAL A 115 -5.34 -24.23 14.23
CA VAL A 115 -4.01 -23.57 14.17
C VAL A 115 -3.46 -23.77 12.76
N CYS A 116 -2.87 -22.74 12.20
CA CYS A 116 -2.20 -22.78 10.88
C CYS A 116 -0.90 -22.00 11.01
N VAL A 117 0.22 -22.59 10.61
CA VAL A 117 1.57 -21.96 10.75
C VAL A 117 2.21 -21.85 9.37
N PHE A 118 2.80 -20.69 9.08
CA PHE A 118 3.58 -20.43 7.85
C PHE A 118 5.03 -20.12 8.24
N LEU A 119 5.93 -20.96 7.76
CA LEU A 119 7.40 -20.80 7.85
C LEU A 119 7.88 -20.59 6.41
N SER A 120 8.02 -19.34 6.01
CA SER A 120 8.47 -18.99 4.63
C SER A 120 9.02 -17.58 4.58
N HIS A 121 9.15 -17.06 3.38
CA HIS A 121 9.35 -15.62 3.10
C HIS A 121 7.99 -14.98 2.86
N GLY A 122 7.92 -13.65 2.99
CA GLY A 122 6.70 -12.87 2.71
C GLY A 122 7.02 -11.44 2.35
N GLU A 123 5.99 -10.71 1.95
CA GLU A 123 6.04 -9.29 1.56
C GLU A 123 4.60 -8.79 1.68
N GLY A 124 4.35 -7.81 2.56
CA GLY A 124 3.07 -7.07 2.64
C GLY A 124 1.95 -8.00 3.07
N ASN A 125 0.99 -8.25 2.18
CA ASN A 125 -0.18 -9.12 2.43
C ASN A 125 0.15 -10.59 2.11
N HIS A 126 1.35 -10.88 1.66
CA HIS A 126 1.65 -12.14 0.92
C HIS A 126 2.62 -13.02 1.70
N ILE A 127 2.42 -14.33 1.63
CA ILE A 127 3.38 -15.38 2.06
C ILE A 127 3.87 -16.03 0.76
N TYR A 128 5.08 -16.57 0.76
CA TYR A 128 5.63 -17.26 -0.44
C TYR A 128 5.40 -18.77 -0.29
N ALA A 129 4.75 -19.34 -1.29
CA ALA A 129 4.82 -20.78 -1.60
C ALA A 129 6.15 -21.03 -2.31
N TYR A 130 6.40 -22.25 -2.81
CA TYR A 130 7.62 -22.57 -3.59
C TYR A 130 7.73 -21.66 -4.82
N ASP A 131 6.62 -21.37 -5.50
CA ASP A 131 6.66 -20.82 -6.89
C ASP A 131 6.07 -19.41 -6.99
N ALA A 132 5.27 -18.95 -6.03
CA ALA A 132 4.64 -17.62 -6.11
C ALA A 132 4.07 -17.20 -4.75
N LYS A 133 3.71 -15.92 -4.65
CA LYS A 133 3.14 -15.37 -3.40
C LYS A 133 1.65 -15.67 -3.38
N ILE A 134 1.14 -15.88 -2.18
CA ILE A 134 -0.31 -16.02 -1.91
C ILE A 134 -0.75 -14.92 -0.93
N GLU A 135 -1.93 -14.36 -1.17
CA GLU A 135 -2.56 -13.31 -0.35
C GLU A 135 -3.01 -13.95 0.99
N ILE A 136 -2.45 -13.51 2.11
CA ILE A 136 -2.79 -14.02 3.48
C ILE A 136 -4.30 -13.95 3.71
N GLN A 137 -4.95 -12.85 3.32
CA GLN A 137 -6.42 -12.66 3.49
C GLN A 137 -7.16 -13.87 2.90
N THR A 138 -6.75 -14.41 1.75
CA THR A 138 -7.52 -15.51 1.09
C THR A 138 -7.29 -16.84 1.84
N LEU A 139 -6.18 -17.00 2.55
CA LEU A 139 -5.97 -18.18 3.44
C LEU A 139 -6.81 -18.04 4.71
N THR A 140 -6.78 -16.90 5.39
CA THR A 140 -7.61 -16.67 6.61
C THR A 140 -9.09 -16.65 6.22
N GLY A 141 -9.41 -16.17 5.02
CA GLY A 141 -10.79 -16.04 4.51
C GLY A 141 -11.55 -17.35 4.54
N LEU A 142 -10.85 -18.46 4.30
CA LEU A 142 -11.47 -19.79 4.16
C LEU A 142 -12.08 -20.23 5.49
N PHE A 143 -11.63 -19.65 6.62
CA PHE A 143 -12.05 -20.04 7.99
C PHE A 143 -12.94 -18.96 8.63
N LYS A 144 -13.24 -17.87 7.92
CA LYS A 144 -14.21 -16.83 8.36
C LYS A 144 -15.54 -17.52 8.64
N GLY A 145 -16.28 -17.06 9.64
CA GLY A 145 -17.59 -17.63 10.05
C GLY A 145 -18.43 -18.11 8.87
N ASP A 146 -18.73 -17.23 7.93
CA ASP A 146 -19.63 -17.54 6.76
C ASP A 146 -19.17 -18.82 6.05
N LYS A 147 -17.87 -18.98 5.81
CA LYS A 147 -17.29 -20.00 4.89
C LYS A 147 -17.00 -21.33 5.61
N CYS A 148 -16.84 -21.34 6.93
CA CYS A 148 -16.47 -22.56 7.71
C CYS A 148 -17.30 -22.60 8.99
N HIS A 149 -18.51 -23.16 8.88
CA HIS A 149 -19.55 -23.09 9.94
C HIS A 149 -19.04 -23.83 11.18
N SER A 150 -18.32 -24.94 11.01
CA SER A 150 -17.89 -25.80 12.13
C SER A 150 -16.83 -25.12 13.00
N LEU A 151 -16.30 -23.97 12.61
CA LEU A 151 -15.27 -23.22 13.40
C LEU A 151 -15.83 -21.91 13.96
N VAL A 152 -17.04 -21.51 13.57
CA VAL A 152 -17.70 -20.28 14.10
C VAL A 152 -17.64 -20.32 15.63
N GLY A 153 -17.17 -19.24 16.26
CA GLY A 153 -17.12 -19.07 17.72
C GLY A 153 -16.00 -19.86 18.37
N LYS A 154 -15.15 -20.50 17.55
CA LYS A 154 -13.93 -21.23 18.03
C LYS A 154 -12.72 -20.41 17.62
N PRO A 155 -11.63 -20.42 18.41
CA PRO A 155 -10.41 -19.72 18.05
C PRO A 155 -9.77 -20.25 16.76
N LYS A 156 -9.35 -19.34 15.88
CA LYS A 156 -8.56 -19.65 14.67
C LYS A 156 -7.25 -18.89 14.80
N ILE A 157 -6.15 -19.62 14.97
CA ILE A 157 -4.83 -19.05 15.34
C ILE A 157 -3.87 -19.25 14.19
N PHE A 158 -3.41 -18.16 13.58
CA PHE A 158 -2.33 -18.19 12.57
C PHE A 158 -1.03 -17.70 13.21
N ILE A 159 0.04 -18.43 12.96
CA ILE A 159 1.43 -18.06 13.37
C ILE A 159 2.26 -17.91 12.10
N ILE A 160 2.95 -16.79 11.96
CA ILE A 160 3.62 -16.39 10.69
C ILE A 160 5.07 -15.99 10.98
N GLN A 161 5.99 -16.82 10.50
CA GLN A 161 7.45 -16.62 10.58
C GLN A 161 7.87 -16.39 9.13
N ALA A 162 7.69 -15.16 8.68
CA ALA A 162 7.96 -14.71 7.30
C ALA A 162 8.54 -13.30 7.34
N ALA A 163 9.46 -13.03 6.44
CA ALA A 163 10.21 -11.76 6.30
C ALA A 163 10.84 -11.73 4.91
N ARG A 164 11.69 -10.74 4.61
CA ARG A 164 12.23 -10.48 3.24
C ARG A 164 13.51 -11.31 3.05
N GLY A 165 13.59 -12.06 1.96
CA GLY A 165 14.80 -12.85 1.67
C GLY A 165 15.98 -11.94 1.33
N ASN A 166 16.93 -11.75 2.25
CA ASN A 166 18.02 -10.73 2.12
C ASN A 166 18.96 -11.02 0.92
N GLN A 167 19.38 -12.27 0.69
CA GLN A 167 20.34 -12.69 -0.37
C GLN A 167 21.59 -11.77 -0.31
N THR A 187 29.29 -23.63 11.78
CA THR A 187 28.20 -24.60 11.47
C THR A 187 26.83 -23.92 11.69
N ASN A 188 26.57 -23.40 12.91
CA ASN A 188 25.31 -22.70 13.31
C ASN A 188 25.51 -21.18 13.22
N ILE A 189 25.28 -20.59 12.04
CA ILE A 189 25.29 -19.11 11.82
C ILE A 189 23.89 -18.57 12.19
N THR A 190 23.80 -17.29 12.56
CA THR A 190 22.54 -16.54 12.73
C THR A 190 22.28 -15.65 11.51
N GLU A 191 21.34 -16.00 10.62
CA GLU A 191 20.93 -15.15 9.47
C GLU A 191 19.86 -14.17 9.94
N VAL A 192 19.81 -12.98 9.37
CA VAL A 192 18.89 -11.90 9.82
C VAL A 192 18.21 -11.23 8.61
N ASP A 193 16.87 -11.20 8.61
CA ASP A 193 15.98 -10.63 7.56
C ASP A 193 15.24 -9.41 8.12
N ALA A 194 14.93 -8.46 7.24
CA ALA A 194 14.10 -7.28 7.57
C ALA A 194 12.64 -7.71 7.67
N ALA A 195 11.89 -7.20 8.63
CA ALA A 195 10.41 -7.35 8.65
C ALA A 195 9.84 -6.92 7.30
N SER A 196 8.86 -7.64 6.79
CA SER A 196 8.22 -7.32 5.49
C SER A 196 6.71 -7.55 5.53
N VAL A 197 6.21 -8.41 6.42
CA VAL A 197 4.80 -8.89 6.36
C VAL A 197 3.96 -8.02 7.27
N TYR A 198 2.92 -7.40 6.70
CA TYR A 198 1.98 -6.55 7.46
C TYR A 198 1.40 -7.37 8.61
N THR A 199 1.26 -6.78 9.79
CA THR A 199 0.70 -7.44 11.00
C THR A 199 -0.82 -7.31 10.97
N LEU A 200 -1.41 -7.92 9.94
CA LEU A 200 -2.86 -7.87 9.60
C LEU A 200 -3.68 -8.47 10.74
N PRO A 201 -4.90 -7.97 10.97
CA PRO A 201 -5.90 -8.72 11.73
C PRO A 201 -6.57 -9.70 10.75
N ALA A 202 -7.54 -10.47 11.20
CA ALA A 202 -8.46 -11.23 10.32
C ALA A 202 -9.86 -10.89 10.78
N GLY A 203 -10.69 -11.87 11.11
CA GLY A 203 -12.06 -11.62 11.58
C GLY A 203 -12.28 -12.03 13.02
N ALA A 204 -13.53 -12.03 13.46
CA ALA A 204 -13.89 -12.43 14.83
C ALA A 204 -13.30 -13.80 15.13
N ASP A 205 -12.64 -13.89 16.29
CA ASP A 205 -12.19 -15.16 16.92
C ASP A 205 -10.92 -15.66 16.22
N PHE A 206 -10.26 -14.81 15.43
CA PHE A 206 -8.89 -15.07 14.94
C PHE A 206 -7.86 -14.41 15.86
N LEU A 207 -6.69 -15.04 15.93
CA LEU A 207 -5.47 -14.51 16.59
C LEU A 207 -4.32 -14.65 15.60
N MET A 208 -3.84 -13.52 15.06
CA MET A 208 -2.69 -13.47 14.11
C MET A 208 -1.42 -13.16 14.92
N CYS A 209 -0.43 -14.04 14.80
CA CYS A 209 0.83 -14.03 15.55
C CYS A 209 1.99 -13.84 14.58
N TYR A 210 2.84 -12.82 14.80
CA TYR A 210 3.90 -12.41 13.84
C TYR A 210 5.26 -12.43 14.53
N SER A 211 6.24 -13.12 13.93
CA SER A 211 7.67 -13.19 14.32
C SER A 211 8.24 -11.80 14.58
N VAL A 212 7.81 -10.78 13.83
CA VAL A 212 8.50 -9.46 13.78
C VAL A 212 7.54 -8.37 13.33
N ALA A 213 7.71 -7.15 13.85
CA ALA A 213 6.85 -5.98 13.53
C ALA A 213 7.58 -5.07 12.55
N GLU A 214 6.86 -4.12 11.93
CA GLU A 214 7.44 -3.10 11.04
C GLU A 214 8.67 -2.46 11.71
N GLY A 215 9.75 -2.28 10.95
CA GLY A 215 10.97 -1.60 11.41
C GLY A 215 11.90 -2.46 12.24
N TYR A 216 11.54 -3.69 12.60
CA TYR A 216 12.44 -4.59 13.36
C TYR A 216 12.98 -5.69 12.41
N TYR A 217 13.75 -6.64 12.96
CA TYR A 217 14.44 -7.69 12.17
C TYR A 217 14.14 -9.06 12.77
N SER A 218 14.00 -10.07 11.91
CA SER A 218 13.73 -11.48 12.30
C SER A 218 15.00 -12.30 12.15
N HIS A 219 15.33 -13.12 13.14
CA HIS A 219 16.59 -13.92 13.24
C HIS A 219 16.30 -15.41 13.08
N ARG A 220 17.10 -16.12 12.29
CA ARG A 220 17.09 -17.61 12.21
C ARG A 220 18.50 -18.18 12.36
N GLU A 221 18.73 -18.97 13.43
CA GLU A 221 19.92 -19.84 13.63
C GLU A 221 19.77 -21.01 12.66
N THR A 222 20.83 -21.42 11.94
CA THR A 222 20.73 -22.39 10.80
C THR A 222 20.57 -23.82 11.30
N VAL A 223 20.83 -24.11 12.58
CA VAL A 223 20.63 -25.45 13.20
C VAL A 223 19.50 -25.37 14.21
N ASN A 224 19.50 -24.35 15.07
CA ASN A 224 18.54 -24.22 16.19
C ASN A 224 17.20 -23.63 15.73
N GLY A 225 17.19 -22.91 14.60
CA GLY A 225 15.97 -22.34 13.99
C GLY A 225 15.68 -20.91 14.42
N SER A 226 14.52 -20.40 14.00
CA SER A 226 14.06 -19.00 14.21
C SER A 226 13.99 -18.66 15.71
N TRP A 227 14.44 -17.48 16.10
CA TRP A 227 14.35 -16.97 17.49
C TRP A 227 12.89 -17.03 17.95
N TYR A 228 11.97 -16.51 17.12
CA TYR A 228 10.52 -16.43 17.47
C TYR A 228 10.04 -17.83 17.85
N ILE A 229 10.31 -18.81 16.99
CA ILE A 229 9.78 -20.20 17.16
C ILE A 229 10.46 -20.86 18.34
N GLN A 230 11.77 -20.68 18.49
CA GLN A 230 12.52 -21.24 19.64
C GLN A 230 11.78 -20.82 20.90
N ASP A 231 11.53 -19.52 21.05
CA ASP A 231 10.94 -18.95 22.30
C ASP A 231 9.46 -19.31 22.38
N LEU A 232 8.74 -19.30 21.26
CA LEU A 232 7.32 -19.74 21.26
C LEU A 232 7.28 -21.18 21.80
N CYS A 233 8.09 -22.07 21.22
CA CYS A 233 8.08 -23.53 21.56
C CYS A 233 8.53 -23.72 23.02
N GLU A 234 9.59 -23.04 23.47
CA GLU A 234 10.01 -23.10 24.88
C GLU A 234 8.81 -22.78 25.78
N MET A 235 8.11 -21.66 25.52
CA MET A 235 6.98 -21.22 26.38
C MET A 235 5.83 -22.23 26.28
N LEU A 236 5.56 -22.79 25.11
CA LEU A 236 4.50 -23.82 24.95
C LEU A 236 4.81 -25.02 25.84
N GLY A 237 6.07 -25.49 25.81
CA GLY A 237 6.58 -26.57 26.68
C GLY A 237 6.31 -26.28 28.15
N LYS A 238 6.85 -25.18 28.66
CA LYS A 238 6.74 -24.81 30.10
C LYS A 238 5.28 -24.49 30.46
N TYR A 239 4.54 -23.76 29.64
CA TYR A 239 3.30 -23.05 30.10
C TYR A 239 2.06 -23.27 29.22
N GLY A 240 2.15 -23.98 28.09
CA GLY A 240 1.02 -24.15 27.14
C GLY A 240 -0.26 -24.58 27.84
N SER A 241 -0.13 -25.53 28.78
CA SER A 241 -1.25 -26.28 29.38
C SER A 241 -1.84 -25.54 30.58
N SER A 242 -1.29 -24.38 30.96
CA SER A 242 -1.73 -23.56 32.12
C SER A 242 -2.12 -22.15 31.70
N LEU A 243 -1.22 -21.42 31.04
CA LEU A 243 -1.41 -19.96 30.77
C LEU A 243 -2.46 -19.75 29.68
N GLU A 244 -3.18 -18.64 29.80
CA GLU A 244 -4.00 -18.08 28.70
C GLU A 244 -3.07 -17.76 27.52
N PHE A 245 -3.48 -18.06 26.30
CA PHE A 245 -2.53 -18.14 25.17
C PHE A 245 -1.93 -16.76 24.90
N THR A 246 -2.70 -15.68 25.03
CA THR A 246 -2.19 -14.31 24.77
C THR A 246 -1.21 -13.92 25.89
N GLU A 247 -1.41 -14.35 27.14
CA GLU A 247 -0.42 -14.12 28.23
C GLU A 247 0.92 -14.78 27.83
N LEU A 248 0.82 -15.95 27.22
CA LEU A 248 1.99 -16.73 26.76
C LEU A 248 2.68 -15.98 25.62
N LEU A 249 1.91 -15.52 24.63
CA LEU A 249 2.46 -14.77 23.47
C LEU A 249 3.20 -13.51 23.96
N THR A 250 2.72 -12.92 25.07
CA THR A 250 3.31 -11.74 25.70
C THR A 250 4.67 -12.13 26.29
N LEU A 251 4.76 -13.30 26.91
CA LEU A 251 6.06 -13.85 27.39
C LEU A 251 7.00 -14.00 26.19
N VAL A 252 6.51 -14.50 25.06
CA VAL A 252 7.36 -14.63 23.83
C VAL A 252 7.85 -13.24 23.38
N ASN A 253 6.99 -12.23 23.46
CA ASN A 253 7.38 -10.84 23.15
C ASN A 253 8.55 -10.43 24.05
N ARG A 254 8.48 -10.73 25.35
CA ARG A 254 9.55 -10.36 26.30
C ARG A 254 10.82 -11.16 25.91
N LYS A 255 10.72 -12.47 25.79
CA LYS A 255 11.89 -13.36 25.55
C LYS A 255 12.65 -12.85 24.31
N VAL A 256 11.94 -12.61 23.21
CA VAL A 256 12.58 -12.27 21.92
C VAL A 256 13.15 -10.84 21.99
N SER A 257 12.44 -9.91 22.61
CA SER A 257 12.84 -8.48 22.70
C SER A 257 14.14 -8.38 23.53
N GLN A 258 14.23 -9.17 24.60
CA GLN A 258 15.39 -9.24 25.54
C GLN A 258 16.61 -9.91 24.92
N ARG A 259 16.49 -10.70 23.86
CA ARG A 259 17.68 -11.29 23.20
C ARG A 259 18.61 -10.17 22.73
N ARG A 260 19.89 -10.28 23.11
CA ARG A 260 20.95 -9.26 22.89
C ARG A 260 21.45 -9.34 21.46
N VAL A 261 21.71 -8.17 20.87
CA VAL A 261 22.15 -8.03 19.45
C VAL A 261 23.25 -6.94 19.40
N ASP A 262 24.09 -6.88 20.44
CA ASP A 262 25.16 -5.86 20.67
C ASP A 262 26.53 -6.43 20.24
N PHE A 263 26.88 -7.66 20.64
CA PHE A 263 28.15 -8.34 20.23
C PHE A 263 27.80 -9.51 19.30
N CYS A 264 27.99 -9.31 17.98
CA CYS A 264 27.62 -10.26 16.88
C CYS A 264 28.85 -10.56 16.01
N LYS A 265 28.95 -11.78 15.48
CA LYS A 265 30.09 -12.25 14.64
C LYS A 265 30.12 -11.49 13.31
N ASP A 266 28.95 -11.12 12.77
CA ASP A 266 28.81 -10.19 11.63
C ASP A 266 28.64 -8.78 12.19
N PRO A 267 29.53 -7.80 11.86
CA PRO A 267 29.34 -6.41 12.30
C PRO A 267 27.99 -5.77 11.93
N SER A 268 27.49 -6.01 10.70
CA SER A 268 26.31 -5.33 10.10
C SER A 268 25.00 -5.81 10.73
N ALA A 269 25.03 -6.89 11.54
CA ALA A 269 23.86 -7.48 12.22
C ALA A 269 23.67 -6.84 13.62
N ILE A 270 24.53 -5.90 14.01
CA ILE A 270 24.50 -5.25 15.36
C ILE A 270 23.35 -4.23 15.40
N GLY A 271 22.65 -4.16 16.53
CA GLY A 271 21.57 -3.18 16.78
C GLY A 271 20.30 -3.49 15.97
N LYS A 272 20.20 -4.69 15.39
CA LYS A 272 19.04 -5.17 14.63
C LYS A 272 18.11 -5.92 15.60
N LYS A 273 17.31 -5.21 16.41
CA LYS A 273 16.50 -5.84 17.49
C LYS A 273 15.32 -6.59 16.86
N GLN A 274 14.75 -7.53 17.59
CA GLN A 274 13.53 -8.24 17.13
C GLN A 274 12.43 -8.08 18.18
N VAL A 275 11.32 -7.49 17.76
CA VAL A 275 10.05 -7.39 18.55
C VAL A 275 8.95 -8.05 17.71
N PRO A 276 8.37 -9.17 18.21
CA PRO A 276 7.19 -9.75 17.59
C PRO A 276 5.95 -9.00 18.07
N CYS A 277 4.81 -9.30 17.46
CA CYS A 277 3.50 -8.87 17.98
C CYS A 277 2.43 -9.89 17.64
N PHE A 278 1.25 -9.68 18.24
CA PHE A 278 0.01 -10.38 17.86
C PHE A 278 -1.13 -9.40 17.74
N ALA A 279 -2.02 -9.68 16.81
CA ALA A 279 -3.30 -8.97 16.62
C ALA A 279 -4.41 -9.92 17.04
N SER A 280 -5.09 -9.62 18.15
CA SER A 280 -6.16 -10.46 18.75
C SER A 280 -7.50 -9.88 18.35
N MET A 281 -8.31 -10.65 17.63
CA MET A 281 -9.75 -10.41 17.46
CA MET A 281 -9.75 -10.41 17.46
C MET A 281 -10.50 -11.44 18.31
N LEU A 282 -9.83 -12.03 19.30
CA LEU A 282 -10.49 -13.03 20.18
C LEU A 282 -11.52 -12.32 21.05
N THR A 283 -12.52 -13.07 21.51
CA THR A 283 -13.68 -12.55 22.28
C THR A 283 -13.71 -13.20 23.66
N LYS A 284 -12.81 -14.14 23.96
CA LYS A 284 -12.80 -14.88 25.26
C LYS A 284 -11.39 -15.30 25.62
N LYS A 285 -11.19 -15.71 26.87
CA LYS A 285 -9.89 -16.24 27.36
C LYS A 285 -9.70 -17.58 26.64
N LEU A 286 -8.45 -17.90 26.27
CA LEU A 286 -8.10 -19.12 25.50
C LEU A 286 -7.09 -19.94 26.28
N HIS A 287 -7.45 -21.17 26.66
CA HIS A 287 -6.59 -22.09 27.43
C HIS A 287 -6.50 -23.44 26.70
N PHE A 288 -5.37 -24.11 26.85
CA PHE A 288 -5.11 -25.46 26.28
C PHE A 288 -4.88 -26.43 27.45
N PHE A 289 -5.80 -26.42 28.42
CA PHE A 289 -5.78 -27.36 29.57
C PHE A 289 -5.77 -28.78 29.03
N PRO A 290 -5.04 -29.72 29.68
CA PRO A 290 -4.97 -31.10 29.21
C PRO A 290 -6.39 -31.67 29.04
N LYS A 291 -6.67 -32.33 27.91
CA LYS A 291 -8.00 -32.95 27.63
C LYS A 291 -8.07 -34.32 28.32
N SER A 292 -9.27 -34.73 28.76
CA SER A 292 -9.52 -36.01 29.45
C SER A 292 -9.68 -37.14 28.44
N ASN A 293 -8.55 -37.78 28.10
CA ASN A 293 -8.39 -38.75 26.98
C ASN A 293 -8.38 -40.18 27.53
N GLU A 294 -8.88 -40.38 28.77
CA GLU A 294 -8.89 -41.68 29.49
C GLU A 294 -10.25 -42.35 29.28
N ASN A 295 -10.27 -43.51 28.60
CA ASN A 295 -11.47 -44.33 28.25
C ASN A 295 -12.37 -43.60 27.22
N LEU A 296 -11.80 -42.79 26.32
CA LEU A 296 -12.54 -42.04 25.26
C LEU A 296 -11.78 -42.15 23.94
N TYR A 297 -12.53 -42.25 22.83
CA TYR A 297 -12.01 -42.27 21.43
C TYR A 297 -11.84 -40.79 20.97
N PHE A 298 -10.58 -40.39 20.67
CA PHE A 298 -10.17 -38.99 20.32
C PHE A 298 -9.52 -38.93 18.91
N GLN A 299 -9.84 -39.89 18.01
CA GLN A 299 -9.36 -40.02 16.60
C GLN A 299 -10.53 -39.81 15.63
N MET B 30 15.88 -16.30 37.08
CA MET B 30 14.60 -16.18 37.83
C MET B 30 13.54 -15.54 36.90
N PHE B 31 13.26 -16.18 35.75
CA PHE B 31 12.22 -15.76 34.75
C PHE B 31 10.81 -16.04 35.27
N ASP B 32 9.90 -15.07 35.18
CA ASP B 32 8.58 -15.11 35.87
C ASP B 32 7.42 -15.04 34.87
N PRO B 33 6.64 -16.13 34.67
CA PRO B 33 5.52 -16.10 33.73
C PRO B 33 4.42 -15.08 34.05
N ALA B 34 4.34 -14.57 35.28
CA ALA B 34 3.25 -13.66 35.70
C ALA B 34 3.80 -12.24 35.94
N GLU B 35 4.92 -11.88 35.32
CA GLU B 35 5.58 -10.57 35.54
C GLU B 35 4.65 -9.46 35.07
N LYS B 36 4.51 -8.42 35.91
CA LYS B 36 3.64 -7.23 35.72
C LYS B 36 4.53 -6.02 35.44
N TYR B 37 4.09 -5.10 34.58
CA TYR B 37 4.74 -3.77 34.46
C TYR B 37 4.73 -3.17 35.86
N LYS B 38 5.80 -2.46 36.24
CA LYS B 38 5.83 -1.71 37.52
C LYS B 38 4.87 -0.52 37.41
N MET B 39 3.81 -0.55 38.20
CA MET B 39 2.71 0.46 38.14
C MET B 39 2.57 1.13 39.51
N ASP B 40 3.71 1.41 40.17
CA ASP B 40 3.86 1.95 41.55
C ASP B 40 4.69 3.25 41.53
N HIS B 41 4.74 3.96 40.40
CA HIS B 41 5.35 5.31 40.28
C HIS B 41 4.46 6.33 41.02
N ARG B 42 4.94 7.57 41.20
CA ARG B 42 4.22 8.61 41.99
C ARG B 42 2.87 8.89 41.30
N ARG B 43 2.87 9.20 40.00
CA ARG B 43 1.63 9.46 39.22
C ARG B 43 1.40 8.31 38.23
N ARG B 44 0.15 8.11 37.81
CA ARG B 44 -0.23 7.13 36.78
C ARG B 44 0.35 7.55 35.42
N GLY B 45 0.08 8.79 35.01
CA GLY B 45 0.62 9.37 33.76
C GLY B 45 -0.39 10.18 32.99
N ILE B 46 -0.02 10.66 31.81
CA ILE B 46 -0.92 11.52 30.98
C ILE B 46 -1.78 10.63 30.06
N ALA B 47 -3.05 10.99 29.90
CA ALA B 47 -3.93 10.50 28.81
C ALA B 47 -4.25 11.67 27.88
N LEU B 48 -3.61 11.73 26.71
CA LEU B 48 -3.97 12.68 25.63
C LEU B 48 -5.26 12.22 24.96
N ILE B 49 -6.19 13.14 24.69
CA ILE B 49 -7.37 12.89 23.82
C ILE B 49 -7.44 13.98 22.75
N PHE B 50 -7.15 13.61 21.52
CA PHE B 50 -7.39 14.47 20.34
C PHE B 50 -8.79 14.16 19.82
N ASN B 51 -9.67 15.16 19.86
CA ASN B 51 -11.11 14.97 19.59
C ASN B 51 -11.52 15.83 18.39
N HIS B 52 -11.90 15.19 17.30
CA HIS B 52 -12.18 15.85 15.99
C HIS B 52 -13.66 15.65 15.62
N GLU B 53 -14.41 16.76 15.57
CA GLU B 53 -15.88 16.81 15.30
C GLU B 53 -16.13 17.38 13.91
N ARG B 54 -15.40 18.43 13.53
CA ARG B 54 -15.54 19.15 12.25
C ARG B 54 -14.19 19.15 11.53
N PHE B 55 -14.21 19.43 10.23
CA PHE B 55 -13.02 19.43 9.35
C PHE B 55 -13.10 20.59 8.34
N PHE B 56 -11.94 21.16 8.01
CA PHE B 56 -11.73 22.07 6.86
C PHE B 56 -12.63 21.70 5.67
N TRP B 57 -13.34 22.67 5.07
CA TRP B 57 -14.33 22.41 4.00
C TRP B 57 -13.69 21.52 2.92
N HIS B 58 -12.50 21.86 2.43
CA HIS B 58 -11.88 21.29 1.19
C HIS B 58 -11.35 19.87 1.42
N LEU B 59 -11.64 19.27 2.58
CA LEU B 59 -11.38 17.82 2.84
C LEU B 59 -12.63 16.99 2.52
N THR B 60 -13.81 17.61 2.57
CA THR B 60 -15.11 16.92 2.28
C THR B 60 -15.24 15.70 3.20
N LEU B 61 -15.10 15.93 4.50
CA LEU B 61 -15.30 14.89 5.53
C LEU B 61 -16.47 15.35 6.38
N PRO B 62 -17.38 14.43 6.75
CA PRO B 62 -18.56 14.78 7.51
C PRO B 62 -18.23 15.07 8.98
N GLU B 63 -19.07 15.88 9.64
CA GLU B 63 -19.10 16.09 11.10
C GLU B 63 -19.17 14.72 11.77
N ARG B 64 -18.59 14.57 12.95
CA ARG B 64 -18.66 13.33 13.74
C ARG B 64 -19.54 13.60 14.96
N ARG B 65 -20.83 13.91 14.73
CA ARG B 65 -21.82 14.18 15.81
C ARG B 65 -21.78 12.99 16.77
N GLY B 66 -21.44 13.22 18.04
CA GLY B 66 -21.35 12.18 19.09
C GLY B 66 -19.95 12.08 19.68
N THR B 67 -18.95 12.58 18.95
CA THR B 67 -17.53 12.41 19.35
C THR B 67 -17.32 13.03 20.74
N CYS B 68 -18.11 14.06 21.09
CA CYS B 68 -17.96 14.76 22.39
C CYS B 68 -18.38 13.81 23.52
N ALA B 69 -19.37 12.94 23.28
CA ALA B 69 -19.79 11.93 24.28
C ALA B 69 -18.60 11.01 24.55
N ASP B 70 -17.93 10.56 23.48
CA ASP B 70 -16.74 9.68 23.54
C ASP B 70 -15.68 10.39 24.39
N ARG B 71 -15.38 11.65 24.07
CA ARG B 71 -14.36 12.46 24.76
C ARG B 71 -14.66 12.52 26.27
N ASP B 72 -15.92 12.80 26.63
CA ASP B 72 -16.32 13.06 28.03
C ASP B 72 -16.28 11.74 28.81
N ASN B 73 -16.85 10.69 28.22
CA ASN B 73 -16.87 9.30 28.77
C ASN B 73 -15.42 8.81 28.98
N LEU B 74 -14.55 8.98 27.99
CA LEU B 74 -13.11 8.59 28.12
C LEU B 74 -12.50 9.42 29.25
N THR B 75 -12.70 10.74 29.23
CA THR B 75 -12.10 11.64 30.23
C THR B 75 -12.47 11.13 31.63
N ARG B 76 -13.72 10.79 31.84
CA ARG B 76 -14.18 10.34 33.17
C ARG B 76 -13.44 9.03 33.51
N ARG B 77 -13.42 8.05 32.62
CA ARG B 77 -12.99 6.69 32.98
C ARG B 77 -11.49 6.67 33.25
N PHE B 78 -10.74 7.45 32.50
CA PHE B 78 -9.26 7.51 32.61
C PHE B 78 -8.89 8.34 33.85
N SER B 79 -9.66 9.38 34.17
CA SER B 79 -9.51 10.14 35.44
C SER B 79 -9.61 9.18 36.62
N ASP B 80 -10.64 8.32 36.66
CA ASP B 80 -10.86 7.42 37.82
C ASP B 80 -9.74 6.38 37.91
N LEU B 81 -8.90 6.22 36.89
CA LEU B 81 -7.76 5.25 36.97
C LEU B 81 -6.46 5.99 37.29
N GLY B 82 -6.54 7.31 37.51
CA GLY B 82 -5.42 8.13 38.04
C GLY B 82 -4.71 8.95 36.96
N PHE B 83 -5.27 9.01 35.76
CA PHE B 83 -4.64 9.70 34.60
C PHE B 83 -4.92 11.21 34.75
N GLU B 84 -3.90 12.02 34.48
CA GLU B 84 -4.04 13.46 34.15
C GLU B 84 -4.56 13.50 32.71
N VAL B 85 -5.87 13.65 32.51
CA VAL B 85 -6.47 13.66 31.15
C VAL B 85 -6.31 15.05 30.55
N LYS B 86 -5.78 15.15 29.33
CA LYS B 86 -5.65 16.44 28.61
C LYS B 86 -6.33 16.28 27.23
N CYS B 87 -7.51 16.88 27.04
CA CYS B 87 -8.28 16.88 25.76
C CYS B 87 -7.91 18.08 24.88
N PHE B 88 -8.01 17.91 23.56
CA PHE B 88 -7.80 18.98 22.57
C PHE B 88 -8.77 18.80 21.40
N ASN B 89 -9.58 19.84 21.16
CA ASN B 89 -10.68 19.83 20.17
C ASN B 89 -10.22 20.49 18.86
N ASP B 90 -10.27 19.71 17.78
CA ASP B 90 -10.23 20.21 16.38
C ASP B 90 -8.92 20.96 16.13
N LEU B 91 -7.79 20.43 16.61
CA LEU B 91 -6.46 21.02 16.34
C LEU B 91 -6.14 20.87 14.85
N LYS B 92 -5.53 21.89 14.25
CA LYS B 92 -4.87 21.79 12.93
C LYS B 92 -3.61 20.93 13.10
N ALA B 93 -3.03 20.45 12.01
CA ALA B 93 -1.92 19.49 12.03
C ALA B 93 -0.76 20.10 12.81
N GLU B 94 -0.40 21.36 12.55
CA GLU B 94 0.74 22.00 13.25
C GLU B 94 0.47 22.00 14.75
N GLU B 95 -0.72 22.40 15.19
CA GLU B 95 -1.04 22.53 16.64
C GLU B 95 -0.94 21.15 17.28
N LEU B 96 -1.41 20.11 16.58
CA LEU B 96 -1.45 18.72 17.10
C LEU B 96 -0.01 18.22 17.26
N LEU B 97 0.80 18.34 16.22
CA LEU B 97 2.20 17.88 16.27
C LEU B 97 2.94 18.61 17.40
N LEU B 98 2.77 19.93 17.55
CA LEU B 98 3.39 20.68 18.67
C LEU B 98 2.92 20.09 19.99
N LYS B 99 1.61 19.87 20.17
CA LYS B 99 1.12 19.44 21.50
C LYS B 99 1.71 18.07 21.81
N ILE B 100 1.73 17.17 20.84
CA ILE B 100 2.13 15.76 21.13
C ILE B 100 3.65 15.71 21.27
N HIS B 101 4.38 16.52 20.51
CA HIS B 101 5.87 16.62 20.62
C HIS B 101 6.24 17.19 21.98
N GLU B 102 5.57 18.26 22.41
CA GLU B 102 5.67 18.84 23.78
C GLU B 102 5.58 17.68 24.78
N VAL B 103 4.51 16.90 24.73
CA VAL B 103 4.24 15.84 25.74
C VAL B 103 5.32 14.76 25.62
N SER B 104 5.90 14.56 24.45
CA SER B 104 6.92 13.50 24.24
C SER B 104 8.24 13.90 24.93
N THR B 105 8.55 15.20 25.01
CA THR B 105 9.89 15.71 25.42
C THR B 105 9.90 16.16 26.89
N VAL B 106 8.75 16.40 27.49
CA VAL B 106 8.60 16.47 28.96
C VAL B 106 9.04 15.12 29.57
N SER B 107 9.39 15.10 30.87
CA SER B 107 9.76 13.88 31.63
C SER B 107 8.52 13.11 32.05
N HIS B 108 8.49 11.79 31.80
CA HIS B 108 7.49 10.82 32.34
C HIS B 108 8.14 9.94 33.40
N ALA B 109 9.29 10.35 33.91
CA ALA B 109 10.17 9.52 34.77
C ALA B 109 9.39 9.00 35.97
N ASP B 110 8.46 9.80 36.50
CA ASP B 110 7.68 9.50 37.73
C ASP B 110 6.26 9.03 37.36
N ALA B 111 6.10 8.44 36.16
CA ALA B 111 4.79 7.99 35.65
C ALA B 111 4.84 6.49 35.34
N ASP B 112 3.69 5.83 35.56
CA ASP B 112 3.49 4.39 35.24
C ASP B 112 3.52 4.17 33.73
N CYS B 113 2.85 5.04 32.97
CA CYS B 113 2.57 4.75 31.54
C CYS B 113 2.05 6.01 30.84
N PHE B 114 1.73 5.85 29.55
CA PHE B 114 1.21 6.91 28.67
C PHE B 114 0.07 6.35 27.82
N VAL B 115 -0.99 7.14 27.71
CA VAL B 115 -2.18 6.84 26.88
C VAL B 115 -2.39 8.01 25.92
N CYS B 116 -2.70 7.71 24.68
CA CYS B 116 -3.01 8.72 23.63
C CYS B 116 -4.22 8.20 22.85
N VAL B 117 -5.26 9.01 22.72
CA VAL B 117 -6.53 8.61 22.04
C VAL B 117 -6.80 9.54 20.86
N PHE B 118 -7.16 8.97 19.72
CA PHE B 118 -7.57 9.70 18.49
C PHE B 118 -9.02 9.36 18.19
N LEU B 119 -9.86 10.39 18.20
CA LEU B 119 -11.27 10.35 17.79
C LEU B 119 -11.35 11.25 16.54
N SER B 120 -11.26 10.64 15.36
CA SER B 120 -11.30 11.39 14.09
C SER B 120 -11.67 10.46 12.94
N HIS B 121 -11.44 10.93 11.73
CA HIS B 121 -11.42 10.11 10.50
C HIS B 121 -9.98 9.67 10.24
N GLY B 122 -9.81 8.62 9.43
CA GLY B 122 -8.49 8.13 9.00
C GLY B 122 -8.56 7.41 7.68
N GLU B 123 -7.39 7.04 7.17
CA GLU B 123 -7.18 6.28 5.92
C GLU B 123 -5.77 5.69 6.05
N GLY B 124 -5.65 4.36 6.03
CA GLY B 124 -4.37 3.65 5.91
C GLY B 124 -3.49 3.90 7.12
N ASN B 125 -2.37 4.60 6.91
CA ASN B 125 -1.39 4.94 7.98
C ASN B 125 -1.78 6.24 8.68
N HIS B 126 -2.86 6.89 8.27
CA HIS B 126 -3.10 8.32 8.58
C HIS B 126 -4.33 8.52 9.46
N ILE B 127 -4.25 9.49 10.36
CA ILE B 127 -5.39 10.05 11.13
C ILE B 127 -5.60 11.45 10.59
N TYR B 128 -6.82 11.97 10.66
CA TYR B 128 -7.11 13.34 10.17
C TYR B 128 -7.08 14.30 11.36
N ALA B 129 -6.25 15.34 11.23
CA ALA B 129 -6.39 16.60 11.99
C ALA B 129 -7.52 17.40 11.32
N TYR B 130 -7.77 18.64 11.77
CA TYR B 130 -8.77 19.55 11.17
C TYR B 130 -8.47 19.75 9.67
N ASP B 131 -7.19 19.89 9.29
CA ASP B 131 -6.82 20.46 7.97
C ASP B 131 -6.07 19.46 7.08
N ALA B 132 -5.49 18.38 7.63
CA ALA B 132 -4.73 17.42 6.81
C ALA B 132 -4.51 16.11 7.57
N LYS B 133 -4.06 15.09 6.84
CA LYS B 133 -3.78 13.77 7.45
C LYS B 133 -2.38 13.80 8.06
N ILE B 134 -2.22 13.08 9.16
CA ILE B 134 -0.89 12.85 9.81
C ILE B 134 -0.62 11.35 9.84
N GLU B 135 0.65 10.99 9.59
CA GLU B 135 1.16 9.60 9.58
C GLU B 135 1.18 9.09 11.03
N ILE B 136 0.41 8.06 11.36
CA ILE B 136 0.33 7.45 12.73
C ILE B 136 1.74 7.09 13.22
N GLN B 137 2.57 6.50 12.37
CA GLN B 137 3.95 6.10 12.73
C GLN B 137 4.70 7.29 13.34
N THR B 138 4.54 8.51 12.83
CA THR B 138 5.33 9.67 13.33
C THR B 138 4.81 10.13 14.70
N LEU B 139 3.53 9.88 15.02
CA LEU B 139 2.99 10.15 16.38
C LEU B 139 3.49 9.07 17.36
N THR B 140 3.40 7.79 17.03
CA THR B 140 3.91 6.70 17.91
C THR B 140 5.44 6.79 18.00
N GLY B 141 6.11 7.24 16.95
CA GLY B 141 7.57 7.35 16.85
C GLY B 141 8.15 8.19 17.98
N LEU B 142 7.42 9.22 18.40
CA LEU B 142 7.92 10.22 19.38
C LEU B 142 8.11 9.56 20.74
N PHE B 143 7.45 8.42 20.99
CA PHE B 143 7.47 7.70 22.30
C PHE B 143 8.28 6.40 22.23
N LYS B 144 8.85 6.07 21.07
CA LYS B 144 9.80 4.93 20.90
C LYS B 144 10.95 5.13 21.87
N GLY B 145 11.48 4.04 22.42
CA GLY B 145 12.61 4.02 23.37
C GLY B 145 13.62 5.12 23.12
N ASP B 146 14.23 5.15 21.93
CA ASP B 146 15.33 6.08 21.57
C ASP B 146 14.94 7.52 21.90
N LYS B 147 13.71 7.93 21.55
CA LYS B 147 13.28 9.35 21.48
C LYS B 147 12.70 9.82 22.81
N CYS B 148 12.21 8.93 23.68
CA CYS B 148 11.53 9.28 24.95
C CYS B 148 12.01 8.36 26.07
N HIS B 149 13.16 8.69 26.68
CA HIS B 149 13.89 7.79 27.61
C HIS B 149 13.00 7.52 28.83
N SER B 150 12.23 8.51 29.30
CA SER B 150 11.44 8.40 30.54
C SER B 150 10.28 7.41 30.40
N LEU B 151 9.98 6.91 29.20
CA LEU B 151 8.87 5.95 28.96
C LEU B 151 9.41 4.56 28.57
N VAL B 152 10.71 4.42 28.31
CA VAL B 152 11.33 3.11 28.00
C VAL B 152 10.91 2.10 29.07
N GLY B 153 10.41 0.93 28.63
CA GLY B 153 10.01 -0.19 29.50
C GLY B 153 8.69 0.04 30.20
N LYS B 154 8.00 1.15 29.89
CA LYS B 154 6.64 1.46 30.40
C LYS B 154 5.64 1.30 29.25
N PRO B 155 4.40 0.88 29.53
CA PRO B 155 3.38 0.74 28.49
C PRO B 155 3.05 2.07 27.82
N LYS B 156 2.95 2.06 26.49
CA LYS B 156 2.47 3.20 25.67
C LYS B 156 1.25 2.70 24.91
N ILE B 157 0.07 3.22 25.24
CA ILE B 157 -1.23 2.71 24.77
C ILE B 157 -1.88 3.75 23.86
N PHE B 158 -2.05 3.42 22.59
CA PHE B 158 -2.84 4.24 21.64
C PHE B 158 -4.21 3.58 21.41
N ILE B 159 -5.26 4.39 21.49
CA ILE B 159 -6.65 3.98 21.18
C ILE B 159 -7.13 4.83 20.00
N ILE B 160 -7.64 4.19 18.96
CA ILE B 160 -7.91 4.86 17.65
C ILE B 160 -9.33 4.52 17.19
N GLN B 161 -10.18 5.54 17.19
CA GLN B 161 -11.58 5.48 16.75
C GLN B 161 -11.59 6.36 15.50
N ALA B 162 -11.18 5.76 14.38
CA ALA B 162 -11.04 6.42 13.07
C ALA B 162 -11.46 5.44 11.99
N ALA B 163 -12.10 5.97 10.95
CA ALA B 163 -12.66 5.22 9.80
C ALA B 163 -12.91 6.23 8.66
N ARG B 164 -13.55 5.81 7.57
CA ARG B 164 -13.70 6.62 6.32
C ARG B 164 -14.96 7.49 6.44
N GLY B 165 -14.84 8.79 6.21
CA GLY B 165 -16.01 9.68 6.24
C GLY B 165 -16.98 9.40 5.09
N ASN B 166 -18.10 8.72 5.36
CA ASN B 166 -19.02 8.21 4.29
C ASN B 166 -19.65 9.35 3.46
N GLN B 167 -20.10 10.47 4.05
CA GLN B 167 -20.79 11.60 3.38
C GLN B 167 -21.93 11.05 2.50
N THR B 187 -33.62 12.00 16.87
CA THR B 187 -32.58 12.78 17.59
C THR B 187 -31.26 11.98 17.59
N ASN B 188 -31.27 10.74 18.15
CA ASN B 188 -30.09 9.83 18.26
C ASN B 188 -30.11 8.82 17.10
N ILE B 189 -29.52 9.17 15.95
CA ILE B 189 -29.32 8.25 14.79
C ILE B 189 -28.02 7.46 15.02
N THR B 190 -27.89 6.28 14.42
CA THR B 190 -26.63 5.50 14.34
C THR B 190 -25.98 5.67 12.96
N GLU B 191 -24.90 6.43 12.84
CA GLU B 191 -24.12 6.59 11.57
C GLU B 191 -23.10 5.46 11.49
N VAL B 192 -22.79 5.00 10.28
CA VAL B 192 -21.90 3.82 10.08
C VAL B 192 -20.86 4.10 8.98
N ASP B 193 -19.57 3.94 9.30
CA ASP B 193 -18.40 4.15 8.41
C ASP B 193 -17.68 2.82 8.14
N ALA B 194 -17.08 2.70 6.97
CA ALA B 194 -16.24 1.54 6.59
C ALA B 194 -14.91 1.63 7.32
N ALA B 195 -14.37 0.51 7.82
CA ALA B 195 -12.97 0.46 8.31
C ALA B 195 -12.05 1.01 7.24
N SER B 196 -11.04 1.78 7.63
CA SER B 196 -10.07 2.39 6.70
C SER B 196 -8.65 2.38 7.26
N VAL B 197 -8.48 2.33 8.58
CA VAL B 197 -7.16 2.58 9.23
C VAL B 197 -6.49 1.23 9.46
N TYR B 198 -5.28 1.07 8.92
CA TYR B 198 -4.48 -0.17 9.09
C TYR B 198 -4.32 -0.42 10.58
N THR B 199 -4.42 -1.67 11.02
CA THR B 199 -4.26 -2.08 12.43
C THR B 199 -2.77 -2.30 12.71
N LEU B 200 -2.00 -1.23 12.58
CA LEU B 200 -0.52 -1.18 12.69
C LEU B 200 -0.09 -1.61 14.08
N PRO B 201 1.08 -2.27 14.21
CA PRO B 201 1.76 -2.35 15.49
C PRO B 201 2.56 -1.04 15.67
N ALA B 202 3.30 -0.90 16.75
CA ALA B 202 4.33 0.15 16.90
C ALA B 202 5.60 -0.56 17.34
N GLY B 203 6.23 -0.16 18.44
CA GLY B 203 7.45 -0.81 18.93
C GLY B 203 7.26 -1.52 20.25
N ALA B 204 8.35 -1.95 20.88
CA ALA B 204 8.31 -2.65 22.17
C ALA B 204 7.51 -1.81 23.17
N ASP B 205 6.58 -2.47 23.85
CA ASP B 205 5.85 -1.94 25.04
C ASP B 205 4.75 -0.99 24.58
N PHE B 206 4.41 -0.98 23.29
CA PHE B 206 3.19 -0.33 22.79
C PHE B 206 2.02 -1.32 22.71
N LEU B 207 0.81 -0.79 22.89
CA LEU B 207 -0.47 -1.49 22.66
C LEU B 207 -1.34 -0.59 21.79
N MET B 208 -1.53 -0.97 20.53
CA MET B 208 -2.40 -0.25 19.56
C MET B 208 -3.79 -0.89 19.57
N CYS B 209 -4.81 -0.08 19.84
CA CYS B 209 -6.21 -0.48 20.03
C CYS B 209 -7.06 0.18 18.94
N TYR B 210 -7.81 -0.62 18.18
CA TYR B 210 -8.56 -0.15 16.98
C TYR B 210 -10.05 -0.47 17.12
N SER B 211 -10.90 0.54 16.94
CA SER B 211 -12.39 0.47 16.89
C SER B 211 -12.87 -0.66 15.96
N VAL B 212 -12.16 -0.92 14.86
CA VAL B 212 -12.67 -1.76 13.75
C VAL B 212 -11.52 -2.34 12.94
N ALA B 213 -11.71 -3.55 12.40
CA ALA B 213 -10.67 -4.26 11.61
C ALA B 213 -11.01 -4.15 10.13
N GLU B 214 -10.06 -4.49 9.24
CA GLU B 214 -10.29 -4.59 7.77
C GLU B 214 -11.58 -5.37 7.51
N GLY B 215 -12.40 -4.86 6.58
CA GLY B 215 -13.63 -5.53 6.11
C GLY B 215 -14.82 -5.38 7.04
N TYR B 216 -14.68 -4.77 8.21
CA TYR B 216 -15.84 -4.55 9.13
C TYR B 216 -16.22 -3.06 9.09
N TYR B 217 -17.20 -2.66 9.91
CA TYR B 217 -17.77 -1.29 9.91
C TYR B 217 -17.78 -0.75 11.34
N SER B 218 -17.53 0.55 11.49
CA SER B 218 -17.52 1.25 12.80
C SER B 218 -18.79 2.09 12.92
N HIS B 219 -19.45 2.04 14.08
CA HIS B 219 -20.76 2.67 14.38
C HIS B 219 -20.59 3.83 15.37
N ARG B 220 -21.23 4.97 15.11
CA ARG B 220 -21.36 6.09 16.08
C ARG B 220 -22.82 6.52 16.24
N GLU B 221 -23.38 6.38 17.44
CA GLU B 221 -24.68 6.99 17.88
C GLU B 221 -24.41 8.50 18.06
N THR B 222 -25.29 9.39 17.58
CA THR B 222 -25.01 10.85 17.50
C THR B 222 -25.14 11.53 18.87
N VAL B 223 -25.73 10.86 19.87
CA VAL B 223 -25.84 11.39 21.26
C VAL B 223 -25.00 10.52 22.18
N ASN B 224 -25.11 9.20 22.06
CA ASN B 224 -24.46 8.23 22.97
C ASN B 224 -22.99 8.00 22.59
N GLY B 225 -22.62 8.25 21.34
CA GLY B 225 -21.23 8.14 20.86
C GLY B 225 -20.91 6.79 20.23
N SER B 226 -19.64 6.59 19.89
CA SER B 226 -19.10 5.40 19.17
C SER B 226 -19.37 4.12 19.97
N TRP B 227 -19.78 3.04 19.30
CA TRP B 227 -19.99 1.72 19.92
C TRP B 227 -18.71 1.29 20.65
N TYR B 228 -17.57 1.39 19.98
CA TYR B 228 -16.26 0.93 20.52
C TYR B 228 -16.03 1.64 21.87
N ILE B 229 -16.19 2.95 21.89
CA ILE B 229 -15.85 3.79 23.08
C ILE B 229 -16.88 3.53 24.17
N GLN B 230 -18.16 3.43 23.81
CA GLN B 230 -19.22 3.12 24.81
C GLN B 230 -18.80 1.86 25.56
N ASP B 231 -18.45 0.81 24.83
CA ASP B 231 -18.15 -0.52 25.43
C ASP B 231 -16.78 -0.47 26.12
N LEU B 232 -15.81 0.22 25.53
CA LEU B 232 -14.50 0.39 26.20
C LEU B 232 -14.74 1.06 27.56
N CYS B 233 -15.47 2.17 27.58
CA CYS B 233 -15.69 2.97 28.81
C CYS B 233 -16.52 2.16 29.82
N GLU B 234 -17.57 1.46 29.38
CA GLU B 234 -18.35 0.59 30.28
C GLU B 234 -17.39 -0.38 30.97
N MET B 235 -16.54 -1.08 30.21
CA MET B 235 -15.62 -2.10 30.77
C MET B 235 -14.59 -1.43 31.70
N LEU B 236 -14.10 -0.25 31.35
CA LEU B 236 -13.14 0.49 32.23
C LEU B 236 -13.82 0.77 33.57
N GLY B 237 -15.06 1.27 33.56
CA GLY B 237 -15.88 1.51 34.76
C GLY B 237 -15.97 0.25 35.62
N LYS B 238 -16.51 -0.84 35.07
CA LYS B 238 -16.72 -2.11 35.84
C LYS B 238 -15.39 -2.73 36.24
N TYR B 239 -14.37 -2.77 35.37
CA TYR B 239 -13.23 -3.73 35.51
C TYR B 239 -11.84 -3.08 35.37
N GLY B 240 -11.71 -1.78 35.07
CA GLY B 240 -10.41 -1.13 34.83
C GLY B 240 -9.40 -1.43 35.91
N SER B 241 -9.85 -1.38 37.17
CA SER B 241 -9.00 -1.37 38.38
C SER B 241 -8.65 -2.80 38.83
N SER B 242 -9.16 -3.83 38.15
CA SER B 242 -8.94 -5.26 38.50
C SER B 242 -8.31 -6.03 37.34
N LEU B 243 -8.94 -6.01 36.16
CA LEU B 243 -8.54 -6.90 35.02
C LEU B 243 -7.23 -6.40 34.40
N GLU B 244 -6.44 -7.35 33.89
CA GLU B 244 -5.32 -7.07 32.97
C GLU B 244 -5.89 -6.39 31.71
N PHE B 245 -5.22 -5.37 31.20
CA PHE B 245 -5.85 -4.44 30.25
C PHE B 245 -6.21 -5.19 28.95
N THR B 246 -5.39 -6.14 28.50
CA THR B 246 -5.68 -6.90 27.26
C THR B 246 -6.86 -7.85 27.50
N GLU B 247 -7.03 -8.41 28.71
CA GLU B 247 -8.23 -9.22 29.05
C GLU B 247 -9.48 -8.34 28.89
N LEU B 248 -9.35 -7.08 29.30
CA LEU B 248 -10.44 -6.07 29.23
C LEU B 248 -10.74 -5.78 27.77
N LEU B 249 -9.71 -5.51 26.96
CA LEU B 249 -9.87 -5.20 25.51
C LEU B 249 -10.58 -6.37 24.81
N THR B 250 -10.34 -7.59 25.29
CA THR B 250 -10.95 -8.84 24.76
C THR B 250 -12.44 -8.80 25.08
N LEU B 251 -12.81 -8.38 26.29
CA LEU B 251 -14.24 -8.18 26.65
C LEU B 251 -14.85 -7.14 25.71
N VAL B 252 -14.14 -6.06 25.39
CA VAL B 252 -14.66 -5.05 24.44
C VAL B 252 -14.86 -5.69 23.05
N ASN B 253 -13.96 -6.56 22.63
CA ASN B 253 -14.10 -7.31 21.36
C ASN B 253 -15.42 -8.11 21.41
N ARG B 254 -15.70 -8.79 22.52
CA ARG B 254 -16.95 -9.58 22.64
C ARG B 254 -18.14 -8.62 22.59
N LYS B 255 -18.16 -7.60 23.43
CA LYS B 255 -19.32 -6.67 23.58
C LYS B 255 -19.67 -6.11 22.20
N VAL B 256 -18.69 -5.61 21.46
CA VAL B 256 -18.94 -4.89 20.18
C VAL B 256 -19.37 -5.92 19.11
N SER B 257 -18.73 -7.09 19.08
CA SER B 257 -19.00 -8.13 18.06
C SER B 257 -20.43 -8.64 18.22
N GLN B 258 -20.88 -8.80 19.48
CA GLN B 258 -22.23 -9.29 19.88
C GLN B 258 -23.34 -8.25 19.58
N ARG B 259 -23.04 -6.96 19.44
CA ARG B 259 -24.08 -5.97 19.09
C ARG B 259 -24.73 -6.38 17.76
N ARG B 260 -26.07 -6.47 17.76
CA ARG B 260 -26.87 -7.00 16.63
C ARG B 260 -27.08 -5.89 15.60
N VAL B 261 -27.02 -6.26 14.32
CA VAL B 261 -27.08 -5.33 13.16
C VAL B 261 -28.00 -5.95 12.09
N ASP B 262 -29.06 -6.64 12.54
CA ASP B 262 -30.05 -7.38 11.70
C ASP B 262 -31.32 -6.52 11.50
N PHE B 263 -31.86 -5.88 12.56
CA PHE B 263 -33.04 -4.98 12.46
C PHE B 263 -32.58 -3.53 12.71
N CYS B 264 -32.43 -2.74 11.64
CA CYS B 264 -31.90 -1.35 11.61
C CYS B 264 -32.90 -0.41 10.93
N LYS B 265 -32.99 0.85 11.38
CA LYS B 265 -33.94 1.87 10.85
C LYS B 265 -33.57 2.24 9.42
N ASP B 266 -32.27 2.25 9.09
CA ASP B 266 -31.75 2.36 7.70
C ASP B 266 -31.58 0.95 7.15
N PRO B 267 -32.25 0.55 6.03
CA PRO B 267 -32.01 -0.76 5.40
C PRO B 267 -30.56 -1.09 5.05
N SER B 268 -29.81 -0.12 4.52
CA SER B 268 -28.45 -0.31 3.94
C SER B 268 -27.39 -0.54 5.03
N ALA B 269 -27.73 -0.32 6.31
CA ALA B 269 -26.83 -0.50 7.48
C ALA B 269 -26.93 -1.93 8.04
N ILE B 270 -27.77 -2.79 7.45
CA ILE B 270 -28.02 -4.18 7.91
C ILE B 270 -26.82 -5.06 7.51
N GLY B 271 -26.41 -5.97 8.39
CA GLY B 271 -25.33 -6.96 8.15
C GLY B 271 -23.95 -6.31 8.15
N LYS B 272 -23.84 -5.07 8.60
CA LYS B 272 -22.56 -4.32 8.71
C LYS B 272 -22.00 -4.54 10.12
N LYS B 273 -21.36 -5.69 10.38
CA LYS B 273 -20.90 -6.09 11.74
C LYS B 273 -19.70 -5.23 12.14
N GLN B 274 -19.44 -5.13 13.43
CA GLN B 274 -18.24 -4.42 13.92
C GLN B 274 -17.43 -5.37 14.80
N VAL B 275 -16.18 -5.62 14.42
CA VAL B 275 -15.16 -6.36 15.19
C VAL B 275 -13.96 -5.43 15.35
N PRO B 276 -13.63 -5.04 16.60
CA PRO B 276 -12.40 -4.30 16.88
C PRO B 276 -11.25 -5.29 17.00
N CYS B 277 -10.03 -4.77 17.08
CA CYS B 277 -8.86 -5.58 17.48
C CYS B 277 -7.86 -4.71 18.24
N PHE B 278 -6.85 -5.39 18.79
CA PHE B 278 -5.62 -4.75 19.31
C PHE B 278 -4.39 -5.49 18.83
N ALA B 279 -3.33 -4.74 18.61
CA ALA B 279 -1.98 -5.26 18.31
C ALA B 279 -1.11 -4.99 19.54
N SER B 280 -0.71 -6.04 20.25
CA SER B 280 0.08 -5.96 21.50
C SER B 280 1.53 -6.24 21.16
N MET B 281 2.39 -5.27 21.43
CA MET B 281 3.86 -5.47 21.51
CA MET B 281 3.86 -5.49 21.52
C MET B 281 4.26 -5.39 22.99
N LEU B 282 3.30 -5.58 23.91
CA LEU B 282 3.60 -5.54 25.36
C LEU B 282 4.46 -6.75 25.72
N THR B 283 5.22 -6.63 26.79
CA THR B 283 6.18 -7.66 27.25
C THR B 283 5.81 -8.15 28.65
N LYS B 284 4.77 -7.58 29.28
CA LYS B 284 4.35 -7.93 30.66
C LYS B 284 2.86 -7.72 30.83
N LYS B 285 2.31 -8.25 31.93
CA LYS B 285 0.89 -8.08 32.29
C LYS B 285 0.74 -6.60 32.67
N LEU B 286 -0.39 -5.98 32.32
CA LEU B 286 -0.66 -4.54 32.55
C LEU B 286 -1.93 -4.38 33.38
N HIS B 287 -1.82 -3.79 34.57
CA HIS B 287 -2.94 -3.57 35.51
C HIS B 287 -2.99 -2.10 35.92
N PHE B 288 -4.19 -1.61 36.20
CA PHE B 288 -4.43 -0.22 36.68
C PHE B 288 -5.04 -0.29 38.09
N PHE B 289 -4.40 -1.08 38.97
CA PHE B 289 -4.79 -1.19 40.39
C PHE B 289 -4.83 0.20 41.01
N PRO B 290 -5.78 0.49 41.93
CA PRO B 290 -5.88 1.81 42.54
C PRO B 290 -4.54 2.20 43.17
N LYS B 291 -4.06 3.43 42.94
CA LYS B 291 -2.76 3.92 43.50
C LYS B 291 -3.00 4.41 44.94
N SER B 292 -2.00 4.27 45.80
CA SER B 292 -2.08 4.66 47.24
C SER B 292 -1.79 6.17 47.39
N ASN B 293 -2.85 6.97 47.29
CA ASN B 293 -2.84 8.46 47.16
C ASN B 293 -3.16 9.10 48.52
N GLU B 294 -3.02 8.34 49.60
CA GLU B 294 -3.34 8.77 51.00
C GLU B 294 -2.04 9.26 51.67
N ASN B 295 -1.97 10.57 51.99
CA ASN B 295 -0.80 11.26 52.62
C ASN B 295 0.40 11.32 51.65
N LEU B 296 0.17 11.41 50.33
CA LEU B 296 1.24 11.52 49.30
C LEU B 296 0.84 12.61 48.28
N TYR B 297 1.83 13.36 47.79
CA TYR B 297 1.69 14.40 46.73
C TYR B 297 1.80 13.70 45.36
N PHE B 298 0.72 13.74 44.55
CA PHE B 298 0.55 13.04 43.23
C PHE B 298 0.29 14.05 42.08
N GLN B 299 0.73 15.32 42.23
CA GLN B 299 0.61 16.44 41.23
C GLN B 299 2.00 16.84 40.74
N MET C 30 -13.99 11.88 -41.71
CA MET C 30 -14.06 12.90 -40.64
C MET C 30 -12.83 12.76 -39.71
N PHE C 31 -12.55 11.55 -39.18
CA PHE C 31 -11.67 11.29 -38.00
C PHE C 31 -10.19 11.37 -38.41
N ASP C 32 -9.37 12.11 -37.64
CA ASP C 32 -8.10 12.71 -38.15
C ASP C 32 -6.92 12.31 -37.28
N PRO C 33 -5.98 11.48 -37.77
CA PRO C 33 -4.81 11.08 -36.97
C PRO C 33 -3.90 12.23 -36.51
N ALA C 34 -3.96 13.41 -37.13
CA ALA C 34 -3.06 14.53 -36.82
C ALA C 34 -3.81 15.68 -36.14
N GLU C 35 -4.96 15.39 -35.51
CA GLU C 35 -5.78 16.40 -34.81
C GLU C 35 -4.98 16.98 -33.64
N LYS C 36 -5.02 18.31 -33.54
CA LYS C 36 -4.36 19.14 -32.49
C LYS C 36 -5.41 19.67 -31.52
N TYR C 37 -5.08 19.80 -30.24
CA TYR C 37 -5.93 20.56 -29.28
C TYR C 37 -6.09 21.96 -29.88
N LYS C 38 -7.27 22.57 -29.75
CA LYS C 38 -7.47 23.98 -30.20
C LYS C 38 -6.74 24.91 -29.23
N MET C 39 -5.71 25.59 -29.73
CA MET C 39 -4.79 26.41 -28.90
C MET C 39 -4.80 27.87 -29.38
N ASP C 40 -5.99 28.36 -29.77
CA ASP C 40 -6.27 29.68 -30.40
C ASP C 40 -7.30 30.46 -29.55
N HIS C 41 -7.45 30.14 -28.26
CA HIS C 41 -8.29 30.91 -27.30
C HIS C 41 -7.64 32.27 -27.01
N ARG C 42 -8.36 33.16 -26.33
CA ARG C 42 -7.89 34.56 -26.09
C ARG C 42 -6.59 34.50 -25.27
N ARG C 43 -6.58 33.80 -24.13
CA ARG C 43 -5.39 33.63 -23.24
C ARG C 43 -4.87 32.17 -23.38
N ARG C 44 -3.58 31.95 -23.13
CA ARG C 44 -2.97 30.58 -23.04
C ARG C 44 -3.54 29.83 -21.83
N GLY C 45 -3.46 30.44 -20.65
CA GLY C 45 -4.04 29.93 -19.41
C GLY C 45 -3.10 30.11 -18.21
N ILE C 46 -3.50 29.58 -17.05
CA ILE C 46 -2.73 29.75 -15.78
C ILE C 46 -1.69 28.64 -15.67
N ALA C 47 -0.48 28.97 -15.21
CA ALA C 47 0.53 28.03 -14.68
C ALA C 47 0.69 28.27 -13.18
N LEU C 48 0.11 27.42 -12.33
CA LEU C 48 0.37 27.40 -10.87
C LEU C 48 1.75 26.80 -10.62
N ILE C 49 2.54 27.41 -9.73
CA ILE C 49 3.81 26.79 -9.23
C ILE C 49 3.82 26.86 -7.71
N PHE C 50 3.64 25.71 -7.06
CA PHE C 50 3.80 25.57 -5.60
C PHE C 50 5.26 25.19 -5.33
N ASN C 51 5.99 26.06 -4.63
CA ASN C 51 7.46 25.94 -4.45
C ASN C 51 7.78 25.80 -2.98
N HIS C 52 8.30 24.63 -2.57
CA HIS C 52 8.55 24.25 -1.16
C HIS C 52 10.04 24.04 -0.93
N GLU C 53 10.62 24.90 -0.08
CA GLU C 53 12.08 24.96 0.23
C GLU C 53 12.31 24.46 1.66
N ARG C 54 11.45 24.85 2.59
CA ARG C 54 11.56 24.55 4.03
C ARG C 54 10.23 23.92 4.47
N PHE C 55 10.27 23.24 5.62
CA PHE C 55 9.12 22.48 6.18
C PHE C 55 9.06 22.65 7.69
N PHE C 56 7.84 22.66 8.24
CA PHE C 56 7.55 22.55 9.69
C PHE C 56 8.58 21.64 10.38
N TRP C 57 9.16 22.08 11.51
CA TRP C 57 10.30 21.37 12.16
C TRP C 57 9.91 19.89 12.37
N HIS C 58 8.69 19.66 12.90
CA HIS C 58 8.24 18.35 13.46
C HIS C 58 7.91 17.35 12.35
N LEU C 59 8.17 17.69 11.08
CA LEU C 59 8.11 16.76 9.92
C LEU C 59 9.49 16.14 9.64
N THR C 60 10.58 16.80 10.07
CA THR C 60 11.97 16.31 9.88
C THR C 60 12.21 16.05 8.39
N LEU C 61 11.95 17.05 7.56
CA LEU C 61 12.24 17.00 6.10
C LEU C 61 13.29 18.07 5.85
N PRO C 62 14.32 17.76 5.04
CA PRO C 62 15.40 18.70 4.79
C PRO C 62 15.00 19.85 3.87
N GLU C 63 15.68 20.99 3.98
CA GLU C 63 15.62 22.13 3.03
C GLU C 63 15.87 21.59 1.62
N ARG C 64 15.25 22.19 0.61
CA ARG C 64 15.48 21.81 -0.79
C ARG C 64 16.26 22.97 -1.45
N ARG C 65 17.48 23.22 -1.01
CA ARG C 65 18.36 24.28 -1.56
C ARG C 65 18.44 24.07 -3.07
N GLY C 66 17.99 25.05 -3.86
CA GLY C 66 18.02 25.01 -5.34
C GLY C 66 16.62 25.13 -5.92
N THR C 67 15.59 24.84 -5.12
CA THR C 67 14.19 24.80 -5.60
C THR C 67 13.83 26.15 -6.19
N CYS C 68 14.43 27.24 -5.70
CA CYS C 68 14.12 28.62 -6.17
C CYS C 68 14.58 28.75 -7.62
N ALA C 69 15.70 28.12 -7.98
CA ALA C 69 16.20 28.14 -9.38
C ALA C 69 15.15 27.48 -10.27
N ASP C 70 14.62 26.34 -9.83
CA ASP C 70 13.58 25.57 -10.54
C ASP C 70 12.37 26.49 -10.76
N ARG C 71 11.91 27.14 -9.68
CA ARG C 71 10.72 28.04 -9.70
C ARG C 71 10.94 29.16 -10.72
N ASP C 72 12.12 29.78 -10.70
CA ASP C 72 12.41 31.00 -11.50
C ASP C 72 12.53 30.59 -12.96
N ASN C 73 13.29 29.53 -13.22
CA ASN C 73 13.49 28.95 -14.58
C ASN C 73 12.13 28.54 -15.17
N LEU C 74 11.29 27.83 -14.41
CA LEU C 74 9.95 27.45 -14.90
C LEU C 74 9.14 28.72 -15.17
N THR C 75 9.14 29.66 -14.22
CA THR C 75 8.33 30.90 -14.34
C THR C 75 8.70 31.59 -15.66
N ARG C 76 9.99 31.68 -15.95
CA ARG C 76 10.44 32.39 -17.17
C ARG C 76 9.90 31.63 -18.38
N ARG C 77 10.13 30.32 -18.45
CA ARG C 77 9.90 29.57 -19.71
C ARG C 77 8.40 29.52 -20.01
N PHE C 78 7.57 29.40 -18.98
CA PHE C 78 6.10 29.31 -19.13
C PHE C 78 5.53 30.68 -19.47
N SER C 79 6.10 31.76 -18.92
CA SER C 79 5.76 33.16 -19.30
C SER C 79 5.96 33.32 -20.81
N ASP C 80 7.11 32.91 -21.35
CA ASP C 80 7.42 33.12 -22.79
C ASP C 80 6.47 32.30 -23.68
N LEU C 81 5.72 31.35 -23.13
CA LEU C 81 4.75 30.54 -23.94
C LEU C 81 3.35 31.11 -23.77
N GLY C 82 3.19 32.17 -22.99
CA GLY C 82 1.93 32.92 -22.87
C GLY C 82 1.16 32.62 -21.60
N PHE C 83 1.77 31.91 -20.66
CA PHE C 83 1.10 31.53 -19.40
C PHE C 83 1.10 32.72 -18.44
N GLU C 84 -0.03 32.94 -17.77
CA GLU C 84 -0.13 33.77 -16.55
C GLU C 84 0.44 32.90 -15.43
N VAL C 85 1.74 33.03 -15.11
CA VAL C 85 2.41 32.19 -14.07
C VAL C 85 2.09 32.78 -12.71
N LYS C 86 1.63 31.96 -11.76
CA LYS C 86 1.32 32.39 -10.38
C LYS C 86 2.08 31.44 -9.43
N CYS C 87 3.18 31.92 -8.82
CA CYS C 87 4.03 31.15 -7.85
C CYS C 87 3.52 31.34 -6.42
N PHE C 88 3.70 30.31 -5.60
CA PHE C 88 3.41 30.36 -4.15
C PHE C 88 4.48 29.61 -3.36
N ASN C 89 5.11 30.31 -2.41
CA ASN C 89 6.24 29.78 -1.61
C ASN C 89 5.75 29.27 -0.25
N ASP C 90 5.98 27.99 0.02
CA ASP C 90 5.92 27.39 1.37
C ASP C 90 4.51 27.57 1.96
N LEU C 91 3.47 27.36 1.14
CA LEU C 91 2.06 27.41 1.64
C LEU C 91 1.83 26.24 2.60
N LYS C 92 1.08 26.48 3.66
CA LYS C 92 0.52 25.40 4.53
C LYS C 92 -0.60 24.73 3.72
N ALA C 93 -1.04 23.56 4.18
CA ALA C 93 -2.00 22.73 3.44
C ALA C 93 -3.27 23.54 3.18
N GLU C 94 -3.80 24.23 4.19
CA GLU C 94 -5.06 25.02 4.05
C GLU C 94 -4.87 26.05 2.94
N GLU C 95 -3.77 26.80 2.97
CA GLU C 95 -3.54 27.92 2.02
C GLU C 95 -3.48 27.33 0.61
N LEU C 96 -2.82 26.18 0.45
CA LEU C 96 -2.60 25.52 -0.86
C LEU C 96 -3.95 25.06 -1.42
N LEU C 97 -4.72 24.35 -0.62
CA LEU C 97 -6.04 23.84 -1.05
C LEU C 97 -6.93 25.04 -1.45
N LEU C 98 -6.95 26.11 -0.68
CA LEU C 98 -7.73 27.33 -1.04
C LEU C 98 -7.23 27.85 -2.38
N LYS C 99 -5.93 27.99 -2.56
CA LYS C 99 -5.42 28.64 -3.79
C LYS C 99 -5.82 27.77 -4.99
N ILE C 100 -5.67 26.46 -4.88
CA ILE C 100 -5.86 25.57 -6.07
C ILE C 100 -7.37 25.42 -6.31
N HIS C 101 -8.19 25.41 -5.26
CA HIS C 101 -9.66 25.36 -5.37
C HIS C 101 -10.17 26.65 -6.02
N GLU C 102 -9.69 27.81 -5.57
CA GLU C 102 -9.93 29.14 -6.20
C GLU C 102 -9.73 28.97 -7.72
N VAL C 103 -8.55 28.53 -8.13
CA VAL C 103 -8.16 28.48 -9.56
C VAL C 103 -9.06 27.45 -10.28
N SER C 104 -9.55 26.44 -9.58
CA SER C 104 -10.39 25.39 -10.22
C SER C 104 -11.79 25.96 -10.56
N THR C 105 -12.30 26.90 -9.77
CA THR C 105 -13.72 27.36 -9.81
C THR C 105 -13.86 28.67 -10.60
N VAL C 106 -12.78 29.40 -10.83
CA VAL C 106 -12.74 30.48 -11.84
C VAL C 106 -13.02 29.86 -13.21
N SER C 107 -13.44 30.67 -14.19
CA SER C 107 -13.68 30.25 -15.60
C SER C 107 -12.37 30.15 -16.36
N HIS C 108 -12.13 29.04 -17.05
CA HIS C 108 -11.02 28.84 -18.03
C HIS C 108 -11.57 28.84 -19.46
N ALA C 109 -12.80 29.32 -19.62
CA ALA C 109 -13.58 29.24 -20.87
C ALA C 109 -12.76 29.83 -22.02
N ASP C 110 -12.00 30.90 -21.76
CA ASP C 110 -11.25 31.64 -22.82
C ASP C 110 -9.77 31.31 -22.71
N ALA C 111 -9.42 30.10 -22.24
CA ALA C 111 -8.03 29.62 -22.08
C ALA C 111 -7.80 28.36 -22.89
N ASP C 112 -6.57 28.22 -23.40
CA ASP C 112 -6.10 27.03 -24.13
C ASP C 112 -6.01 25.83 -23.18
N CYS C 113 -5.45 26.02 -21.99
CA CYS C 113 -5.05 24.89 -21.12
C CYS C 113 -4.70 25.36 -19.71
N PHE C 114 -4.30 24.40 -18.87
CA PHE C 114 -3.93 24.61 -17.45
C PHE C 114 -2.67 23.81 -17.13
N VAL C 115 -1.74 24.45 -16.42
CA VAL C 115 -0.47 23.85 -15.94
C VAL C 115 -0.41 24.04 -14.43
N CYS C 116 0.02 23.01 -13.71
CA CYS C 116 0.20 23.05 -12.24
C CYS C 116 1.51 22.35 -11.93
N VAL C 117 2.41 22.99 -11.19
CA VAL C 117 3.77 22.43 -10.88
C VAL C 117 3.96 22.31 -9.38
N PHE C 118 4.48 21.17 -8.91
CA PHE C 118 4.83 20.89 -7.50
C PHE C 118 6.32 20.66 -7.41
N LEU C 119 6.99 21.54 -6.66
CA LEU C 119 8.41 21.43 -6.27
C LEU C 119 8.43 21.23 -4.76
N SER C 120 8.48 19.98 -4.31
CA SER C 120 8.47 19.65 -2.86
C SER C 120 9.04 18.26 -2.62
N HIS C 121 8.82 17.76 -1.43
CA HIS C 121 8.99 16.34 -1.09
C HIS C 121 7.65 15.63 -1.30
N GLY C 122 7.74 14.32 -1.46
CA GLY C 122 6.54 13.48 -1.58
C GLY C 122 6.83 12.06 -1.18
N GLU C 123 5.76 11.29 -1.12
CA GLU C 123 5.75 9.87 -0.73
C GLU C 123 4.45 9.33 -1.32
N GLY C 124 4.54 8.38 -2.23
CA GLY C 124 3.39 7.60 -2.71
C GLY C 124 2.40 8.46 -3.47
N ASN C 125 1.20 8.63 -2.92
CA ASN C 125 0.12 9.46 -3.52
C ASN C 125 0.26 10.93 -3.13
N HIS C 126 1.24 11.29 -2.32
CA HIS C 126 1.22 12.55 -1.54
C HIS C 126 2.34 13.48 -1.97
N ILE C 127 2.03 14.79 -2.02
CA ILE C 127 3.09 15.84 -2.04
C ILE C 127 3.03 16.53 -0.70
N TYR C 128 4.14 17.12 -0.28
CA TYR C 128 4.23 17.82 1.02
C TYR C 128 3.98 19.32 0.79
N ALA C 129 3.00 19.85 1.51
CA ALA C 129 2.89 21.29 1.85
C ALA C 129 3.91 21.58 2.95
N TYR C 130 3.93 22.80 3.49
CA TYR C 130 4.82 23.17 4.62
C TYR C 130 4.56 22.25 5.83
N ASP C 131 3.29 21.92 6.12
CA ASP C 131 2.90 21.36 7.44
C ASP C 131 2.35 19.93 7.33
N ALA C 132 1.97 19.45 6.16
CA ALA C 132 1.33 18.12 6.02
C ALA C 132 1.34 17.66 4.56
N LYS C 133 1.15 16.36 4.36
CA LYS C 133 1.09 15.79 2.99
C LYS C 133 -0.35 15.95 2.50
N ILE C 134 -0.49 16.15 1.20
CA ILE C 134 -1.80 16.22 0.51
C ILE C 134 -1.82 15.14 -0.57
N GLU C 135 -2.98 14.52 -0.72
CA GLU C 135 -3.27 13.44 -1.70
C GLU C 135 -3.31 14.07 -3.10
N ILE C 136 -2.38 13.70 -3.99
CA ILE C 136 -2.28 14.23 -5.39
C ILE C 136 -3.64 14.08 -6.11
N GLN C 137 -4.32 12.95 -5.97
CA GLN C 137 -5.62 12.69 -6.62
C GLN C 137 -6.59 13.83 -6.30
N THR C 138 -6.62 14.38 -5.08
CA THR C 138 -7.64 15.43 -4.73
C THR C 138 -7.25 16.77 -5.37
N LEU C 139 -5.98 17.01 -5.68
CA LEU C 139 -5.55 18.20 -6.44
C LEU C 139 -5.91 18.04 -7.93
N THR C 140 -5.61 16.91 -8.56
CA THR C 140 -5.97 16.65 -9.97
C THR C 140 -7.50 16.54 -10.11
N GLY C 141 -8.17 16.03 -9.07
CA GLY C 141 -9.63 15.85 -9.04
C GLY C 141 -10.39 17.13 -9.33
N LEU C 142 -9.87 18.27 -8.88
CA LEU C 142 -10.58 19.57 -8.97
C LEU C 142 -10.72 19.99 -10.42
N PHE C 143 -9.91 19.43 -11.33
CA PHE C 143 -9.87 19.82 -12.77
C PHE C 143 -10.46 18.71 -13.67
N LYS C 144 -10.92 17.58 -13.08
CA LYS C 144 -11.69 16.53 -13.81
C LYS C 144 -12.86 17.21 -14.54
N GLY C 145 -13.22 16.73 -15.73
CA GLY C 145 -14.39 17.20 -16.50
C GLY C 145 -15.57 17.60 -15.62
N ASP C 146 -16.07 16.69 -14.78
CA ASP C 146 -17.30 16.92 -13.95
C ASP C 146 -17.17 18.21 -13.14
N LYS C 147 -16.01 18.45 -12.52
CA LYS C 147 -15.82 19.48 -11.47
C LYS C 147 -15.41 20.84 -12.07
N CYS C 148 -14.83 20.88 -13.28
CA CYS C 148 -14.31 22.13 -13.91
C CYS C 148 -14.70 22.14 -15.40
N HIS C 149 -15.92 22.63 -15.69
CA HIS C 149 -16.55 22.49 -17.02
C HIS C 149 -15.72 23.26 -18.05
N SER C 150 -15.16 24.41 -17.69
CA SER C 150 -14.46 25.31 -18.65
C SER C 150 -13.14 24.68 -19.16
N LEU C 151 -12.68 23.57 -18.56
CA LEU C 151 -11.41 22.91 -18.97
C LEU C 151 -11.66 21.58 -19.65
N VAL C 152 -12.91 21.10 -19.67
CA VAL C 152 -13.30 19.87 -20.42
C VAL C 152 -12.76 19.99 -21.85
N GLY C 153 -12.05 18.96 -22.32
CA GLY C 153 -11.51 18.86 -23.68
C GLY C 153 -10.23 19.65 -23.86
N LYS C 154 -9.74 20.33 -22.81
CA LYS C 154 -8.49 21.13 -22.85
C LYS C 154 -7.40 20.41 -22.04
N PRO C 155 -6.13 20.48 -22.46
CA PRO C 155 -5.04 19.83 -21.73
C PRO C 155 -4.87 20.35 -20.29
N LYS C 156 -4.73 19.44 -19.34
CA LYS C 156 -4.39 19.74 -17.94
C LYS C 156 -3.05 19.04 -17.64
N ILE C 157 -2.00 19.82 -17.46
CA ILE C 157 -0.61 19.32 -17.36
C ILE C 157 -0.09 19.54 -15.94
N PHE C 158 0.18 18.46 -15.22
CA PHE C 158 0.86 18.52 -13.90
C PHE C 158 2.31 18.10 -14.06
N ILE C 159 3.21 18.88 -13.48
CA ILE C 159 4.67 18.59 -13.43
C ILE C 159 5.06 18.45 -11.97
N ILE C 160 5.73 17.35 -11.62
CA ILE C 160 6.00 16.97 -10.21
C ILE C 160 7.49 16.64 -10.03
N GLN C 161 8.18 17.50 -9.29
CA GLN C 161 9.57 17.32 -8.86
C GLN C 161 9.49 17.09 -7.36
N ALA C 162 9.21 15.84 -6.98
CA ALA C 162 9.07 15.38 -5.59
C ALA C 162 9.74 14.03 -5.44
N ALA C 163 10.37 13.84 -4.28
CA ALA C 163 11.14 12.64 -3.91
C ALA C 163 11.27 12.59 -2.40
N ARG C 164 12.03 11.64 -1.86
CA ARG C 164 12.10 11.34 -0.40
C ARG C 164 13.16 12.24 0.24
N GLY C 165 12.79 12.93 1.32
CA GLY C 165 13.70 13.78 2.11
C GLY C 165 14.85 12.99 2.69
N ASN C 166 16.05 13.12 2.10
CA ASN C 166 17.32 12.50 2.54
C ASN C 166 17.68 12.98 3.97
N GLN C 167 17.87 12.06 4.93
CA GLN C 167 17.90 12.35 6.41
C GLN C 167 16.67 13.20 6.77
N THR C 187 30.22 25.10 -2.83
CA THR C 187 29.07 26.04 -2.86
C THR C 187 27.88 25.37 -3.59
N ASN C 188 28.06 24.95 -4.85
CA ASN C 188 27.05 24.19 -5.65
C ASN C 188 27.30 22.67 -5.54
N ILE C 189 26.72 22.03 -4.52
CA ILE C 189 26.74 20.54 -4.33
C ILE C 189 25.56 19.95 -5.11
N THR C 190 25.64 18.68 -5.49
CA THR C 190 24.52 17.90 -6.08
C THR C 190 23.94 16.96 -5.02
N GLU C 191 22.76 17.27 -4.46
CA GLU C 191 22.04 16.39 -3.48
C GLU C 191 21.21 15.38 -4.27
N VAL C 192 21.05 14.18 -3.72
CA VAL C 192 20.46 13.02 -4.43
C VAL C 192 19.43 12.34 -3.53
N ASP C 193 18.16 12.28 -3.99
CA ASP C 193 17.01 11.66 -3.28
C ASP C 193 16.55 10.44 -4.06
N ALA C 194 16.01 9.46 -3.33
CA ALA C 194 15.37 8.27 -3.93
C ALA C 194 14.01 8.65 -4.48
N ALA C 195 13.62 8.13 -5.64
CA ALA C 195 12.24 8.23 -6.14
C ALA C 195 11.28 7.78 -5.03
N SER C 196 10.15 8.47 -4.86
CA SER C 196 9.16 8.12 -3.83
C SER C 196 7.72 8.27 -4.32
N VAL C 197 7.49 9.12 -5.32
CA VAL C 197 6.11 9.54 -5.70
C VAL C 197 5.64 8.64 -6.83
N TYR C 198 4.51 7.98 -6.63
CA TYR C 198 3.89 7.10 -7.66
C TYR C 198 3.69 7.94 -8.92
N THR C 199 3.95 7.33 -10.09
CA THR C 199 3.74 7.96 -11.42
C THR C 199 2.27 7.78 -11.81
N LEU C 200 1.39 8.41 -11.02
CA LEU C 200 -0.09 8.33 -11.12
C LEU C 200 -0.57 8.87 -12.45
N PRO C 201 -1.62 8.26 -13.02
CA PRO C 201 -2.33 8.87 -14.14
C PRO C 201 -3.33 9.87 -13.53
N ALA C 202 -4.10 10.53 -14.37
CA ALA C 202 -5.31 11.24 -13.89
C ALA C 202 -6.44 10.83 -14.84
N GLY C 203 -7.19 11.79 -15.37
CA GLY C 203 -8.37 11.57 -16.21
C GLY C 203 -8.14 12.01 -17.64
N ALA C 204 -9.20 12.05 -18.44
CA ALA C 204 -9.05 12.38 -19.88
C ALA C 204 -8.43 13.77 -19.98
N ASP C 205 -7.43 13.89 -20.85
CA ASP C 205 -6.83 15.17 -21.29
C ASP C 205 -5.88 15.70 -20.22
N PHE C 206 -5.49 14.86 -19.26
CA PHE C 206 -4.37 15.15 -18.33
C PHE C 206 -3.06 14.57 -18.87
N LEU C 207 -1.96 15.26 -18.55
CA LEU C 207 -0.57 14.81 -18.78
C LEU C 207 0.20 14.98 -17.45
N MET C 208 0.51 13.88 -16.78
CA MET C 208 1.28 13.85 -15.51
C MET C 208 2.76 13.62 -15.85
N CYS C 209 3.62 14.54 -15.41
CA CYS C 209 5.06 14.60 -15.73
C CYS C 209 5.87 14.43 -14.45
N TYR C 210 6.80 13.47 -14.42
CA TYR C 210 7.51 13.05 -13.18
C TYR C 210 9.02 13.15 -13.39
N SER C 211 9.69 13.84 -12.47
CA SER C 211 11.18 13.99 -12.37
C SER C 211 11.89 12.64 -12.47
N VAL C 212 11.30 11.57 -11.93
CA VAL C 212 12.01 10.28 -11.65
C VAL C 212 11.01 9.14 -11.55
N ALA C 213 11.40 7.93 -11.96
CA ALA C 213 10.56 6.72 -11.94
C ALA C 213 10.95 5.83 -10.76
N GLU C 214 10.12 4.84 -10.43
CA GLU C 214 10.39 3.85 -9.36
C GLU C 214 11.79 3.26 -9.55
N GLY C 215 12.57 3.14 -8.48
CA GLY C 215 13.90 2.52 -8.47
C GLY C 215 15.02 3.42 -8.99
N TYR C 216 14.73 4.62 -9.49
CA TYR C 216 15.80 5.57 -9.92
C TYR C 216 15.95 6.68 -8.87
N TYR C 217 16.81 7.65 -9.14
CA TYR C 217 17.18 8.73 -8.18
C TYR C 217 17.03 10.09 -8.86
N SER C 218 16.57 11.07 -8.10
CA SER C 218 16.38 12.47 -8.56
C SER C 218 17.51 13.32 -7.97
N HIS C 219 18.12 14.16 -8.80
CA HIS C 219 19.29 15.00 -8.49
C HIS C 219 18.88 16.48 -8.44
N ARG C 220 19.32 17.21 -7.41
CA ARG C 220 19.18 18.68 -7.31
C ARG C 220 20.53 19.34 -6.99
N GLU C 221 21.05 20.15 -7.92
CA GLU C 221 22.22 21.06 -7.73
C GLU C 221 21.70 22.22 -6.85
N THR C 222 22.45 22.65 -5.83
CA THR C 222 21.93 23.58 -4.77
C THR C 222 21.87 25.03 -5.25
N VAL C 223 22.47 25.35 -6.39
CA VAL C 223 22.39 26.70 -7.02
C VAL C 223 21.62 26.58 -8.33
N ASN C 224 21.97 25.58 -9.15
CA ASN C 224 21.43 25.43 -10.53
C ASN C 224 20.06 24.75 -10.53
N GLY C 225 19.73 24.00 -9.47
CA GLY C 225 18.43 23.35 -9.30
C GLY C 225 18.38 21.92 -9.83
N SER C 226 17.18 21.35 -9.84
CA SER C 226 16.88 19.93 -10.19
C SER C 226 17.31 19.64 -11.63
N TRP C 227 17.93 18.48 -11.87
CA TRP C 227 18.35 18.02 -13.22
C TRP C 227 17.13 18.02 -14.13
N TYR C 228 16.02 17.43 -13.67
CA TYR C 228 14.76 17.32 -14.44
C TYR C 228 14.36 18.71 -14.97
N ILE C 229 14.30 19.69 -14.06
CA ILE C 229 13.75 21.04 -14.37
C ILE C 229 14.76 21.78 -15.24
N GLN C 230 16.06 21.65 -14.96
CA GLN C 230 17.11 22.26 -15.79
C GLN C 230 16.85 21.85 -17.24
N ASP C 231 16.71 20.55 -17.48
CA ASP C 231 16.62 20.00 -18.86
C ASP C 231 15.22 20.30 -19.41
N LEU C 232 14.17 20.24 -18.60
CA LEU C 232 12.82 20.64 -19.04
C LEU C 232 12.90 22.08 -19.56
N CYS C 233 13.46 22.99 -18.75
CA CYS C 233 13.49 24.44 -19.07
C CYS C 233 14.37 24.70 -20.30
N GLU C 234 15.54 24.06 -20.38
CA GLU C 234 16.41 24.17 -21.58
C GLU C 234 15.57 23.81 -22.82
N MET C 235 14.88 22.67 -22.82
CA MET C 235 14.11 22.20 -24.00
C MET C 235 12.94 23.15 -24.27
N LEU C 236 12.28 23.67 -23.24
CA LEU C 236 11.19 24.66 -23.43
C LEU C 236 11.73 25.89 -24.17
N GLY C 237 12.89 26.40 -23.75
CA GLY C 237 13.59 27.51 -24.40
C GLY C 237 13.83 27.24 -25.87
N LYS C 238 14.55 26.16 -26.20
CA LYS C 238 14.90 25.83 -27.60
C LYS C 238 13.65 25.47 -28.41
N TYR C 239 12.69 24.70 -27.87
CA TYR C 239 11.70 23.97 -28.69
C TYR C 239 10.23 24.15 -28.24
N GLY C 240 9.94 24.84 -27.13
CA GLY C 240 8.57 24.96 -26.58
C GLY C 240 7.55 25.36 -27.63
N SER C 241 7.90 26.33 -28.47
CA SER C 241 6.99 27.04 -29.39
C SER C 241 6.85 26.30 -30.73
N SER C 242 7.56 25.18 -30.93
CA SER C 242 7.56 24.41 -32.21
C SER C 242 7.12 22.96 -31.98
N LEU C 243 7.81 22.24 -31.09
CA LEU C 243 7.61 20.78 -30.90
C LEU C 243 6.28 20.50 -30.20
N GLU C 244 5.68 19.37 -30.54
CA GLU C 244 4.58 18.73 -29.78
C GLU C 244 5.10 18.43 -28.36
N PHE C 245 4.31 18.69 -27.34
CA PHE C 245 4.83 18.78 -25.95
C PHE C 245 5.39 17.42 -25.52
N THR C 246 4.74 16.31 -25.90
CA THR C 246 5.21 14.96 -25.50
C THR C 246 6.51 14.63 -26.25
N GLU C 247 6.72 15.08 -27.50
CA GLU C 247 8.02 14.83 -28.18
C GLU C 247 9.10 15.61 -27.43
N LEU C 248 8.76 16.78 -26.86
CA LEU C 248 9.69 17.59 -26.06
C LEU C 248 10.01 16.85 -24.76
N LEU C 249 8.99 16.33 -24.07
CA LEU C 249 9.17 15.58 -22.79
C LEU C 249 10.08 14.36 -23.04
N THR C 250 10.02 13.79 -24.24
CA THR C 250 10.85 12.64 -24.67
C THR C 250 12.30 13.11 -24.78
N LEU C 251 12.53 14.30 -25.32
CA LEU C 251 13.89 14.92 -25.34
C LEU C 251 14.40 15.08 -23.90
N VAL C 252 13.53 15.51 -23.00
CA VAL C 252 13.93 15.65 -21.56
C VAL C 252 14.32 14.27 -21.01
N ASN C 253 13.58 13.23 -21.36
CA ASN C 253 13.91 11.85 -20.94
C ASN C 253 15.31 11.51 -21.44
N ARG C 254 15.64 11.84 -22.69
CA ARG C 254 16.99 11.53 -23.24
C ARG C 254 18.02 12.33 -22.43
N LYS C 255 17.85 13.65 -22.35
CA LYS C 255 18.84 14.56 -21.70
C LYS C 255 19.16 14.04 -20.29
N VAL C 256 18.14 13.76 -19.50
CA VAL C 256 18.33 13.40 -18.06
C VAL C 256 18.94 11.98 -17.96
N SER C 257 18.49 11.04 -18.80
CA SER C 257 18.96 9.62 -18.76
C SER C 257 20.45 9.57 -19.12
N GLN C 258 20.87 10.39 -20.09
CA GLN C 258 22.26 10.52 -20.59
C GLN C 258 23.20 11.20 -19.58
N ARG C 259 22.71 11.97 -18.61
CA ARG C 259 23.61 12.57 -17.59
C ARG C 259 24.36 11.46 -16.85
N ARG C 260 25.69 11.62 -16.78
CA ARG C 260 26.67 10.64 -16.26
C ARG C 260 26.64 10.65 -14.72
N VAL C 261 26.78 9.48 -14.13
CA VAL C 261 26.78 9.29 -12.65
C VAL C 261 27.87 8.28 -12.25
N ASP C 262 28.96 8.19 -13.04
CA ASP C 262 30.08 7.21 -12.84
C ASP C 262 31.23 7.86 -12.05
N PHE C 263 31.61 9.11 -12.36
CA PHE C 263 32.60 9.93 -11.59
C PHE C 263 31.83 11.05 -10.87
N CYS C 264 31.62 10.88 -9.57
CA CYS C 264 30.92 11.82 -8.63
C CYS C 264 31.84 12.18 -7.48
N LYS C 265 31.73 13.41 -6.96
CA LYS C 265 32.59 13.92 -5.86
C LYS C 265 32.24 13.20 -4.55
N ASP C 266 30.98 12.82 -4.37
CA ASP C 266 30.52 11.90 -3.28
C ASP C 266 30.59 10.47 -3.81
N PRO C 267 31.36 9.55 -3.19
CA PRO C 267 31.37 8.13 -3.61
C PRO C 267 29.99 7.43 -3.65
N SER C 268 29.14 7.69 -2.65
CA SER C 268 27.85 6.96 -2.43
C SER C 268 26.79 7.37 -3.46
N ALA C 269 27.02 8.42 -4.25
CA ALA C 269 26.11 8.93 -5.29
C ALA C 269 26.40 8.26 -6.65
N ILE C 270 27.38 7.37 -6.73
CA ILE C 270 27.82 6.69 -7.98
C ILE C 270 26.79 5.63 -8.38
N GLY C 271 26.48 5.52 -9.67
CA GLY C 271 25.58 4.50 -10.24
C GLY C 271 24.11 4.75 -9.91
N LYS C 272 23.78 5.93 -9.39
CA LYS C 272 22.39 6.34 -9.06
C LYS C 272 21.81 7.09 -10.26
N LYS C 273 21.37 6.39 -11.30
CA LYS C 273 20.93 7.02 -12.58
C LYS C 273 19.57 7.70 -12.37
N GLN C 274 19.22 8.63 -13.26
CA GLN C 274 17.90 9.29 -13.21
C GLN C 274 17.19 9.08 -14.54
N VAL C 275 16.00 8.47 -14.46
CA VAL C 275 15.05 8.30 -15.61
C VAL C 275 13.74 8.98 -15.22
N PRO C 276 13.32 10.05 -15.92
CA PRO C 276 12.01 10.63 -15.70
C PRO C 276 11.01 9.86 -16.57
N CYS C 277 9.73 10.12 -16.37
CA CYS C 277 8.67 9.65 -17.26
C CYS C 277 7.51 10.65 -17.30
N PHE C 278 6.57 10.40 -18.21
CA PHE C 278 5.24 11.02 -18.21
C PHE C 278 4.18 9.96 -18.45
N ALA C 279 3.02 10.17 -17.85
CA ALA C 279 1.78 9.41 -18.07
C ALA C 279 0.82 10.30 -18.87
N SER C 280 0.54 9.97 -20.13
CA SER C 280 -0.34 10.76 -21.04
C SER C 280 -1.71 10.12 -21.07
N MET C 281 -2.73 10.86 -20.67
CA MET C 281 -4.14 10.57 -21.00
C MET C 281 -4.60 11.60 -22.05
N LEU C 282 -3.66 12.20 -22.77
CA LEU C 282 -4.03 13.19 -23.83
C LEU C 282 -4.68 12.44 -24.99
N THR C 283 -5.51 13.14 -25.74
CA THR C 283 -6.33 12.59 -26.84
C THR C 283 -5.97 13.26 -28.15
N LYS C 284 -5.06 14.25 -28.15
CA LYS C 284 -4.69 15.01 -29.38
C LYS C 284 -3.25 15.49 -29.27
N LYS C 285 -2.69 15.94 -30.39
CA LYS C 285 -1.34 16.54 -30.43
C LYS C 285 -1.45 17.87 -29.67
N LEU C 286 -0.42 18.24 -28.89
CA LEU C 286 -0.41 19.46 -28.05
C LEU C 286 0.76 20.36 -28.45
N HIS C 287 0.47 21.57 -28.92
CA HIS C 287 1.50 22.55 -29.37
C HIS C 287 1.29 23.88 -28.63
N PHE C 288 2.39 24.61 -28.40
CA PHE C 288 2.35 25.95 -27.78
C PHE C 288 2.89 26.98 -28.79
N PHE C 289 2.33 26.96 -30.00
CA PHE C 289 2.68 27.92 -31.08
C PHE C 289 2.47 29.34 -30.56
N PRO C 290 3.33 30.30 -30.95
CA PRO C 290 3.21 31.68 -30.47
C PRO C 290 1.79 32.21 -30.71
N LYS C 291 1.15 32.81 -29.71
CA LYS C 291 -0.19 33.44 -29.84
C LYS C 291 -0.01 34.86 -30.43
N SER C 292 -0.99 35.38 -31.17
CA SER C 292 -0.95 36.74 -31.81
C SER C 292 0.49 37.30 -31.79
N MET D 30 26.26 17.42 -32.10
CA MET D 30 24.99 17.95 -32.70
C MET D 30 23.78 17.09 -32.26
N PHE D 31 23.22 17.41 -31.09
CA PHE D 31 22.00 16.79 -30.46
C PHE D 31 20.73 17.18 -31.22
N ASP D 32 19.86 16.21 -31.50
CA ASP D 32 18.84 16.28 -32.59
C ASP D 32 17.42 16.09 -32.04
N PRO D 33 16.55 17.12 -32.04
CA PRO D 33 15.19 16.98 -31.52
C PRO D 33 14.31 15.93 -32.23
N ALA D 34 14.65 15.51 -33.44
CA ALA D 34 13.82 14.60 -34.25
C ALA D 34 14.50 13.23 -34.39
N GLU D 35 15.40 12.88 -33.46
CA GLU D 35 16.10 11.57 -33.46
C GLU D 35 15.07 10.45 -33.27
N LYS D 36 15.20 9.42 -34.10
CA LYS D 36 14.37 8.18 -34.15
C LYS D 36 15.21 7.02 -33.59
N TYR D 37 14.58 6.08 -32.89
CA TYR D 37 15.23 4.78 -32.54
C TYR D 37 15.67 4.16 -33.88
N LYS D 38 16.84 3.53 -33.90
CA LYS D 38 17.30 2.81 -35.12
C LYS D 38 16.45 1.54 -35.30
N MET D 39 15.66 1.50 -36.36
CA MET D 39 14.67 0.41 -36.59
C MET D 39 14.95 -0.30 -37.92
N ASP D 40 16.24 -0.52 -38.21
CA ASP D 40 16.80 -1.06 -39.47
C ASP D 40 17.66 -2.29 -39.16
N HIS D 41 17.44 -2.98 -38.04
CA HIS D 41 18.09 -4.28 -37.69
C HIS D 41 17.53 -5.39 -38.60
N ARG D 42 18.16 -6.57 -38.57
CA ARG D 42 17.78 -7.70 -39.48
C ARG D 42 16.31 -8.08 -39.21
N ARG D 43 15.95 -8.36 -37.94
CA ARG D 43 14.55 -8.72 -37.53
C ARG D 43 13.94 -7.53 -36.76
N ARG D 44 12.60 -7.41 -36.76
CA ARG D 44 11.84 -6.41 -35.93
C ARG D 44 12.01 -6.75 -34.45
N GLY D 45 11.70 -8.00 -34.09
CA GLY D 45 11.88 -8.55 -32.73
C GLY D 45 10.70 -9.41 -32.29
N ILE D 46 10.74 -9.87 -31.04
CA ILE D 46 9.69 -10.77 -30.49
C ILE D 46 8.55 -9.94 -29.91
N ALA D 47 7.31 -10.37 -30.13
CA ALA D 47 6.11 -9.95 -29.37
C ALA D 47 5.60 -11.14 -28.55
N LEU D 48 5.86 -11.17 -27.25
CA LEU D 48 5.23 -12.14 -26.31
C LEU D 48 3.77 -11.74 -26.07
N ILE D 49 2.85 -12.70 -26.10
CA ILE D 49 1.45 -12.49 -25.63
C ILE D 49 1.06 -13.56 -24.64
N PHE D 50 0.95 -13.21 -23.37
CA PHE D 50 0.40 -14.10 -22.32
C PHE D 50 -1.11 -13.85 -22.24
N ASN D 51 -1.89 -14.88 -22.56
CA ASN D 51 -3.36 -14.76 -22.73
C ASN D 51 -4.07 -15.65 -21.71
N HIS D 52 -4.79 -15.04 -20.77
CA HIS D 52 -5.44 -15.72 -19.62
C HIS D 52 -6.96 -15.57 -19.71
N GLU D 53 -7.65 -16.70 -19.86
CA GLU D 53 -9.12 -16.81 -20.05
C GLU D 53 -9.76 -17.40 -18.80
N ARG D 54 -9.13 -18.42 -18.22
CA ARG D 54 -9.62 -19.19 -17.06
C ARG D 54 -8.54 -19.16 -16.00
N PHE D 55 -8.92 -19.47 -14.76
CA PHE D 55 -8.03 -19.43 -13.57
C PHE D 55 -8.33 -20.59 -12.63
N PHE D 56 -7.30 -21.11 -11.97
CA PHE D 56 -7.40 -22.06 -10.82
C PHE D 56 -8.66 -21.77 -9.99
N TRP D 57 -9.46 -22.79 -9.68
CA TRP D 57 -10.80 -22.62 -9.02
C TRP D 57 -10.62 -21.74 -7.77
N HIS D 58 -9.62 -22.05 -6.94
CA HIS D 58 -9.48 -21.51 -5.54
C HIS D 58 -8.98 -20.06 -5.54
N LEU D 59 -8.88 -19.42 -6.71
CA LEU D 59 -8.62 -17.97 -6.85
C LEU D 59 -9.94 -17.20 -6.96
N THR D 60 -11.02 -17.86 -7.41
CA THR D 60 -12.37 -17.24 -7.55
C THR D 60 -12.25 -15.99 -8.43
N LEU D 61 -11.69 -16.17 -9.62
CA LEU D 61 -11.60 -15.11 -10.64
C LEU D 61 -12.43 -15.58 -11.81
N PRO D 62 -13.23 -14.69 -12.41
CA PRO D 62 -14.12 -15.09 -13.50
C PRO D 62 -13.37 -15.32 -14.81
N GLU D 63 -13.94 -16.15 -15.69
CA GLU D 63 -13.51 -16.32 -17.10
C GLU D 63 -13.46 -14.94 -17.76
N ARG D 64 -12.55 -14.75 -18.70
CA ARG D 64 -12.45 -13.48 -19.45
C ARG D 64 -12.89 -13.78 -20.89
N ARG D 65 -14.17 -14.13 -21.07
CA ARG D 65 -14.76 -14.43 -22.39
C ARG D 65 -14.48 -13.23 -23.29
N GLY D 66 -13.75 -13.44 -24.39
CA GLY D 66 -13.41 -12.40 -25.37
C GLY D 66 -11.89 -12.22 -25.50
N THR D 67 -11.14 -12.68 -24.50
CA THR D 67 -9.68 -12.46 -24.44
C THR D 67 -9.03 -13.07 -25.69
N CYS D 68 -9.62 -14.13 -26.25
CA CYS D 68 -9.06 -14.84 -27.43
C CYS D 68 -9.13 -13.89 -28.63
N ALA D 69 -10.18 -13.07 -28.73
CA ALA D 69 -10.30 -12.08 -29.82
C ALA D 69 -9.14 -11.09 -29.71
N ASP D 70 -8.86 -10.63 -28.49
CA ASP D 70 -7.75 -9.70 -28.19
C ASP D 70 -6.44 -10.34 -28.65
N ARG D 71 -6.20 -11.58 -28.26
CA ARG D 71 -4.96 -12.34 -28.59
C ARG D 71 -4.80 -12.43 -30.11
N ASP D 72 -5.88 -12.76 -30.82
CA ASP D 72 -5.83 -13.05 -32.28
C ASP D 72 -5.62 -11.75 -33.02
N ASN D 73 -6.39 -10.72 -32.66
CA ASN D 73 -6.31 -9.34 -33.22
C ASN D 73 -4.89 -8.78 -33.00
N LEU D 74 -4.34 -8.89 -31.79
CA LEU D 74 -2.97 -8.42 -31.51
C LEU D 74 -2.00 -9.22 -32.36
N THR D 75 -2.13 -10.55 -32.36
CA THR D 75 -1.21 -11.44 -33.11
C THR D 75 -1.15 -10.98 -34.56
N ARG D 76 -2.30 -10.71 -35.14
CA ARG D 76 -2.36 -10.34 -36.58
C ARG D 76 -1.62 -9.01 -36.74
N ARG D 77 -1.95 -8.01 -35.94
CA ARG D 77 -1.49 -6.62 -36.24
C ARG D 77 0.02 -6.53 -36.02
N PHE D 78 0.55 -7.24 -35.02
CA PHE D 78 1.99 -7.22 -34.69
C PHE D 78 2.77 -8.04 -35.72
N SER D 79 2.19 -9.13 -36.23
CA SER D 79 2.76 -9.92 -37.35
C SER D 79 2.96 -8.99 -38.56
N ASP D 80 1.96 -8.22 -38.94
CA ASP D 80 2.04 -7.35 -40.13
C ASP D 80 3.09 -6.24 -39.94
N LEU D 81 3.58 -6.00 -38.73
CA LEU D 81 4.62 -4.97 -38.49
C LEU D 81 6.01 -5.63 -38.40
N GLY D 82 6.06 -6.96 -38.56
CA GLY D 82 7.33 -7.70 -38.67
C GLY D 82 7.71 -8.44 -37.40
N PHE D 83 6.81 -8.50 -36.42
CA PHE D 83 7.09 -9.17 -35.13
C PHE D 83 6.97 -10.67 -35.31
N GLU D 84 7.91 -11.43 -34.72
CA GLU D 84 7.79 -12.87 -34.44
C GLU D 84 6.85 -12.95 -33.20
N VAL D 85 5.55 -13.11 -33.40
CA VAL D 85 4.55 -13.15 -32.29
C VAL D 85 4.57 -14.55 -31.69
N LYS D 86 4.71 -14.66 -30.38
CA LYS D 86 4.71 -15.95 -29.64
C LYS D 86 3.64 -15.85 -28.55
N CYS D 87 2.48 -16.52 -28.73
CA CYS D 87 1.35 -16.54 -27.77
C CYS D 87 1.49 -17.70 -26.80
N PHE D 88 0.98 -17.51 -25.58
CA PHE D 88 0.92 -18.56 -24.53
C PHE D 88 -0.40 -18.46 -23.76
N ASN D 89 -1.19 -19.53 -23.76
CA ASN D 89 -2.53 -19.59 -23.14
C ASN D 89 -2.47 -20.23 -21.74
N ASP D 90 -2.87 -19.47 -20.74
CA ASP D 90 -3.21 -19.97 -19.38
C ASP D 90 -1.99 -20.63 -18.75
N LEU D 91 -0.80 -20.03 -18.89
CA LEU D 91 0.43 -20.55 -18.23
C LEU D 91 0.29 -20.40 -16.72
N LYS D 92 0.76 -21.40 -15.98
CA LYS D 92 0.97 -21.28 -14.51
C LYS D 92 2.18 -20.36 -14.29
N ALA D 93 2.37 -19.90 -13.06
CA ALA D 93 3.39 -18.88 -12.75
C ALA D 93 4.75 -19.41 -13.16
N GLU D 94 5.09 -20.64 -12.80
CA GLU D 94 6.43 -21.21 -13.11
C GLU D 94 6.63 -21.19 -14.63
N GLU D 95 5.65 -21.64 -15.40
CA GLU D 95 5.79 -21.78 -16.88
C GLU D 95 6.02 -20.39 -17.46
N LEU D 96 5.29 -19.39 -16.94
CA LEU D 96 5.35 -17.99 -17.46
C LEU D 96 6.74 -17.41 -17.18
N LEU D 97 7.20 -17.52 -15.93
CA LEU D 97 8.52 -16.99 -15.54
C LEU D 97 9.61 -17.65 -16.40
N LEU D 98 9.55 -18.97 -16.60
CA LEU D 98 10.53 -19.67 -17.48
C LEU D 98 10.46 -19.09 -18.88
N LYS D 99 9.25 -18.94 -19.44
CA LYS D 99 9.16 -18.51 -20.85
C LYS D 99 9.75 -17.11 -20.97
N ILE D 100 9.44 -16.21 -20.04
CA ILE D 100 9.82 -14.79 -20.19
C ILE D 100 11.31 -14.65 -19.86
N HIS D 101 11.82 -15.44 -18.92
CA HIS D 101 13.27 -15.46 -18.58
C HIS D 101 14.06 -16.00 -19.78
N GLU D 102 13.62 -17.09 -20.38
CA GLU D 102 14.17 -17.64 -21.65
C GLU D 102 14.32 -16.47 -22.64
N VAL D 103 13.24 -15.76 -22.92
CA VAL D 103 13.22 -14.70 -23.97
C VAL D 103 14.16 -13.56 -23.54
N SER D 104 14.35 -13.36 -22.23
CA SER D 104 15.20 -12.25 -21.74
C SER D 104 16.69 -12.56 -22.01
N THR D 105 17.08 -13.84 -21.99
CA THR D 105 18.51 -14.29 -21.97
C THR D 105 18.97 -14.71 -23.37
N VAL D 106 18.07 -14.97 -24.29
CA VAL D 106 18.38 -15.04 -25.74
C VAL D 106 18.95 -13.68 -26.18
N SER D 107 19.68 -13.64 -27.30
CA SER D 107 20.24 -12.39 -27.90
C SER D 107 19.16 -11.66 -28.68
N HIS D 108 18.99 -10.36 -28.45
CA HIS D 108 18.14 -9.43 -29.25
C HIS D 108 19.03 -8.52 -30.11
N ALA D 109 20.31 -8.88 -30.23
CA ALA D 109 21.36 -8.03 -30.83
C ALA D 109 20.93 -7.60 -32.23
N ASP D 110 20.24 -8.47 -32.98
CA ASP D 110 19.87 -8.21 -34.40
C ASP D 110 18.38 -7.87 -34.48
N ALA D 111 17.81 -7.29 -33.41
CA ALA D 111 16.37 -6.92 -33.33
C ALA D 111 16.22 -5.42 -33.07
N ASP D 112 15.16 -4.85 -33.64
CA ASP D 112 14.77 -3.43 -33.44
C ASP D 112 14.31 -3.21 -31.99
N CYS D 113 13.50 -4.11 -31.45
CA CYS D 113 12.78 -3.85 -30.18
C CYS D 113 12.13 -5.12 -29.63
N PHE D 114 11.44 -4.98 -28.50
CA PHE D 114 10.74 -6.06 -27.77
C PHE D 114 9.37 -5.57 -27.33
N VAL D 115 8.36 -6.42 -27.51
CA VAL D 115 6.96 -6.19 -27.09
C VAL D 115 6.54 -7.36 -26.22
N CYS D 116 5.82 -7.06 -25.13
CA CYS D 116 5.28 -8.08 -24.21
C CYS D 116 3.87 -7.66 -23.83
N VAL D 117 2.88 -8.54 -24.00
CA VAL D 117 1.44 -8.21 -23.76
C VAL D 117 0.86 -9.14 -22.70
N PHE D 118 0.12 -8.58 -21.75
CA PHE D 118 -0.60 -9.31 -20.69
C PHE D 118 -2.09 -9.05 -20.83
N LEU D 119 -2.82 -10.13 -21.09
CA LEU D 119 -4.29 -10.18 -21.11
C LEU D 119 -4.72 -11.07 -19.95
N SER D 120 -5.01 -10.48 -18.80
CA SER D 120 -5.41 -11.25 -17.59
C SER D 120 -6.15 -10.35 -16.62
N HIS D 121 -6.29 -10.84 -15.40
CA HIS D 121 -6.68 -10.04 -14.22
C HIS D 121 -5.42 -9.52 -13.55
N GLY D 122 -5.60 -8.46 -12.77
CA GLY D 122 -4.49 -7.89 -11.99
C GLY D 122 -5.02 -7.12 -10.80
N GLU D 123 -4.09 -6.71 -9.97
CA GLU D 123 -4.33 -5.96 -8.72
C GLU D 123 -2.98 -5.31 -8.42
N GLY D 124 -2.94 -3.98 -8.41
CA GLY D 124 -1.79 -3.22 -7.92
C GLY D 124 -0.57 -3.41 -8.78
N ASN D 125 0.48 -4.03 -8.21
CA ASN D 125 1.74 -4.33 -8.92
C ASN D 125 1.67 -5.64 -9.70
N HIS D 126 0.56 -6.35 -9.63
CA HIS D 126 0.51 -7.79 -9.96
C HIS D 126 -0.37 -8.06 -11.17
N ILE D 127 0.06 -9.00 -11.99
CA ILE D 127 -0.74 -9.63 -13.07
C ILE D 127 -1.02 -11.06 -12.58
N TYR D 128 -2.14 -11.64 -13.00
CA TYR D 128 -2.49 -13.02 -12.61
C TYR D 128 -2.04 -13.97 -13.73
N ALA D 129 -1.22 -14.95 -13.36
CA ALA D 129 -1.05 -16.22 -14.09
C ALA D 129 -2.29 -17.08 -13.80
N TYR D 130 -2.33 -18.33 -14.29
CA TYR D 130 -3.43 -19.28 -14.01
C TYR D 130 -3.59 -19.48 -12.49
N ASP D 131 -2.48 -19.58 -11.75
CA ASP D 131 -2.49 -20.13 -10.35
C ASP D 131 -2.07 -19.08 -9.31
N ALA D 132 -1.45 -17.97 -9.67
CA ALA D 132 -0.97 -16.99 -8.69
C ALA D 132 -0.66 -15.65 -9.34
N LYS D 133 -0.54 -14.60 -8.52
CA LYS D 133 -0.18 -13.25 -9.04
C LYS D 133 1.33 -13.18 -9.12
N ILE D 134 1.82 -12.45 -10.12
CA ILE D 134 3.27 -12.17 -10.33
C ILE D 134 3.46 -10.65 -10.31
N GLU D 135 4.56 -10.22 -9.71
CA GLU D 135 4.97 -8.81 -9.56
C GLU D 135 5.42 -8.29 -10.95
N ILE D 136 4.71 -7.33 -11.52
CA ILE D 136 5.02 -6.74 -12.87
C ILE D 136 6.49 -6.27 -12.91
N GLN D 137 6.98 -5.62 -11.85
CA GLN D 137 8.38 -5.13 -11.78
C GLN D 137 9.36 -6.27 -12.11
N THR D 138 9.13 -7.50 -11.66
CA THR D 138 10.12 -8.60 -11.87
C THR D 138 10.06 -9.09 -13.33
N LEU D 139 8.94 -8.91 -14.03
CA LEU D 139 8.85 -9.19 -15.48
C LEU D 139 9.56 -8.10 -16.28
N THR D 140 9.30 -6.82 -16.01
CA THR D 140 9.99 -5.69 -16.70
C THR D 140 11.47 -5.67 -16.32
N GLY D 141 11.81 -6.11 -15.10
CA GLY D 141 13.18 -6.13 -14.58
C GLY D 141 14.13 -6.94 -15.46
N LEU D 142 13.63 -8.01 -16.07
CA LEU D 142 14.46 -8.96 -16.84
C LEU D 142 14.99 -8.28 -18.10
N PHE D 143 14.38 -7.17 -18.54
CA PHE D 143 14.75 -6.45 -19.79
C PHE D 143 15.44 -5.10 -19.49
N LYS D 144 15.61 -4.74 -18.21
CA LYS D 144 16.42 -3.56 -17.78
C LYS D 144 17.79 -3.67 -18.44
N GLY D 145 18.40 -2.55 -18.84
CA GLY D 145 19.77 -2.49 -19.36
C GLY D 145 20.73 -3.49 -18.71
N ASP D 146 20.86 -3.46 -17.36
CA ASP D 146 21.80 -4.32 -16.60
C ASP D 146 21.63 -5.79 -16.99
N LYS D 147 20.39 -6.29 -17.06
CA LYS D 147 20.08 -7.74 -17.14
C LYS D 147 20.02 -8.24 -18.59
N CYS D 148 19.78 -7.37 -19.59
CA CYS D 148 19.57 -7.76 -21.01
C CYS D 148 20.33 -6.79 -21.92
N HIS D 149 21.62 -7.05 -22.15
CA HIS D 149 22.55 -6.10 -22.81
C HIS D 149 22.08 -5.88 -24.26
N SER D 150 21.58 -6.92 -24.94
CA SER D 150 21.24 -6.82 -26.39
C SER D 150 20.03 -5.89 -26.64
N LEU D 151 19.32 -5.47 -25.59
CA LEU D 151 18.13 -4.57 -25.72
C LEU D 151 18.42 -3.17 -25.22
N VAL D 152 19.57 -2.94 -24.58
CA VAL D 152 19.99 -1.58 -24.13
C VAL D 152 19.84 -0.62 -25.32
N GLY D 153 19.16 0.51 -25.10
CA GLY D 153 18.98 1.58 -26.10
C GLY D 153 17.89 1.25 -27.10
N LYS D 154 17.24 0.10 -26.99
CA LYS D 154 16.13 -0.32 -27.89
C LYS D 154 14.81 -0.25 -27.13
N PRO D 155 13.69 0.12 -27.79
CA PRO D 155 12.41 0.20 -27.11
C PRO D 155 11.93 -1.14 -26.54
N LYS D 156 11.44 -1.12 -25.30
CA LYS D 156 10.80 -2.28 -24.64
C LYS D 156 9.38 -1.84 -24.30
N ILE D 157 8.39 -2.42 -24.97
CA ILE D 157 6.98 -1.98 -24.92
C ILE D 157 6.15 -3.06 -24.23
N PHE D 158 5.58 -2.76 -23.07
CA PHE D 158 4.59 -3.63 -22.37
C PHE D 158 3.19 -3.07 -22.57
N ILE D 159 2.26 -3.93 -22.95
CA ILE D 159 0.82 -3.60 -23.10
C ILE D 159 0.03 -4.45 -22.11
N ILE D 160 -0.81 -3.83 -21.29
CA ILE D 160 -1.47 -4.50 -20.13
C ILE D 160 -2.97 -4.24 -20.15
N GLN D 161 -3.72 -5.30 -20.41
CA GLN D 161 -5.20 -5.33 -20.35
C GLN D 161 -5.53 -6.20 -19.15
N ALA D 162 -5.48 -5.59 -17.97
CA ALA D 162 -5.74 -6.25 -16.68
C ALA D 162 -6.55 -5.31 -15.79
N ALA D 163 -7.44 -5.90 -15.01
CA ALA D 163 -8.42 -5.21 -14.16
C ALA D 163 -8.91 -6.21 -13.12
N ARG D 164 -9.89 -5.82 -12.29
CA ARG D 164 -10.38 -6.60 -11.11
C ARG D 164 -11.44 -7.58 -11.57
N GLY D 165 -11.28 -8.84 -11.17
CA GLY D 165 -12.26 -9.92 -11.43
C GLY D 165 -13.62 -9.60 -10.83
N ASN D 166 -14.56 -9.23 -11.70
CA ASN D 166 -15.93 -8.68 -11.44
C ASN D 166 -16.73 -9.52 -10.42
N GLN D 167 -16.89 -10.83 -10.66
CA GLN D 167 -17.60 -11.80 -9.75
C GLN D 167 -18.97 -11.22 -9.37
N THR D 187 -25.76 -12.90 -26.75
CA THR D 187 -24.55 -13.69 -27.15
C THR D 187 -23.28 -12.85 -26.91
N ASN D 188 -23.16 -11.65 -27.53
CA ASN D 188 -22.08 -10.66 -27.32
C ASN D 188 -22.51 -9.61 -26.27
N ILE D 189 -22.30 -9.90 -24.98
CA ILE D 189 -22.51 -8.94 -23.85
C ILE D 189 -21.23 -8.10 -23.69
N THR D 190 -21.33 -6.91 -23.11
CA THR D 190 -20.17 -6.08 -22.68
C THR D 190 -20.00 -6.19 -21.17
N GLU D 191 -19.00 -6.93 -20.66
CA GLU D 191 -18.67 -7.03 -19.22
C GLU D 191 -17.76 -5.85 -18.86
N VAL D 192 -17.88 -5.36 -17.64
CA VAL D 192 -17.19 -4.11 -17.21
C VAL D 192 -16.52 -4.34 -15.83
N ASP D 193 -15.21 -4.14 -15.76
CA ASP D 193 -14.35 -4.32 -14.55
C ASP D 193 -13.81 -2.94 -14.12
N ALA D 194 -13.57 -2.79 -12.82
CA ALA D 194 -12.93 -1.60 -12.25
C ALA D 194 -11.43 -1.64 -12.54
N ALA D 195 -10.82 -0.50 -12.87
CA ALA D 195 -9.35 -0.38 -12.92
C ALA D 195 -8.77 -0.93 -11.62
N SER D 196 -7.66 -1.66 -11.69
CA SER D 196 -7.00 -2.22 -10.48
C SER D 196 -5.48 -2.14 -10.58
N VAL D 197 -4.92 -2.08 -11.78
CA VAL D 197 -3.45 -2.28 -11.99
C VAL D 197 -2.81 -0.89 -12.03
N TYR D 198 -1.84 -0.68 -11.15
CA TYR D 198 -1.08 0.59 -11.07
C TYR D 198 -0.47 0.85 -12.45
N THR D 199 -0.49 2.11 -12.89
CA THR D 199 0.11 2.55 -14.18
C THR D 199 1.60 2.80 -13.94
N LEU D 200 2.32 1.73 -13.62
CA LEU D 200 3.75 1.70 -13.26
C LEU D 200 4.60 2.18 -14.43
N PRO D 201 5.71 2.90 -14.15
CA PRO D 201 6.73 3.13 -15.16
C PRO D 201 7.64 1.90 -15.16
N ALA D 202 8.69 1.90 -15.96
CA ALA D 202 9.80 0.94 -15.79
C ALA D 202 11.08 1.76 -15.86
N GLY D 203 12.04 1.35 -16.69
CA GLY D 203 13.35 1.98 -16.83
C GLY D 203 13.52 2.70 -18.17
N ALA D 204 14.74 3.13 -18.48
CA ALA D 204 15.00 3.89 -19.72
C ALA D 204 14.58 3.01 -20.89
N ASP D 205 13.86 3.63 -21.82
CA ASP D 205 13.53 3.07 -23.17
C ASP D 205 12.40 2.04 -23.04
N PHE D 206 11.69 2.04 -21.90
CA PHE D 206 10.41 1.31 -21.76
C PHE D 206 9.22 2.21 -22.07
N LEU D 207 8.17 1.62 -22.61
CA LEU D 207 6.83 2.23 -22.79
C LEU D 207 5.78 1.28 -22.19
N MET D 208 5.20 1.64 -21.06
CA MET D 208 4.12 0.87 -20.37
C MET D 208 2.77 1.42 -20.83
N CYS D 209 1.92 0.56 -21.39
CA CYS D 209 0.62 0.89 -22.02
C CYS D 209 -0.50 0.21 -21.25
N TYR D 210 -1.50 0.98 -20.79
CA TYR D 210 -2.53 0.49 -19.84
C TYR D 210 -3.94 0.73 -20.43
N SER D 211 -4.75 -0.33 -20.47
CA SER D 211 -6.18 -0.35 -20.86
C SER D 211 -6.98 0.78 -20.18
N VAL D 212 -6.65 1.10 -18.93
CA VAL D 212 -7.53 1.90 -18.03
C VAL D 212 -6.71 2.56 -16.92
N ALA D 213 -7.11 3.74 -16.46
CA ALA D 213 -6.43 4.53 -15.40
C ALA D 213 -7.19 4.39 -14.10
N GLU D 214 -6.57 4.78 -12.98
CA GLU D 214 -7.21 4.75 -11.63
C GLU D 214 -8.56 5.46 -11.70
N GLY D 215 -9.59 4.85 -11.09
CA GLY D 215 -10.95 5.43 -10.98
C GLY D 215 -11.80 5.30 -12.25
N TYR D 216 -11.28 4.76 -13.35
CA TYR D 216 -12.09 4.50 -14.57
C TYR D 216 -12.39 3.00 -14.66
N TYR D 217 -13.06 2.58 -15.74
CA TYR D 217 -13.55 1.19 -15.91
C TYR D 217 -13.09 0.66 -17.27
N SER D 218 -12.73 -0.63 -17.31
CA SER D 218 -12.30 -1.33 -18.54
C SER D 218 -13.43 -2.23 -19.01
N HIS D 219 -13.72 -2.19 -20.31
CA HIS D 219 -14.85 -2.91 -20.96
C HIS D 219 -14.32 -4.05 -21.84
N ARG D 220 -14.92 -5.23 -21.76
CA ARG D 220 -14.66 -6.38 -22.67
C ARG D 220 -15.97 -6.92 -23.24
N GLU D 221 -16.15 -6.81 -24.56
CA GLU D 221 -17.22 -7.48 -25.34
C GLU D 221 -16.84 -8.97 -25.40
N THR D 222 -17.78 -9.91 -25.20
CA THR D 222 -17.46 -11.35 -24.98
C THR D 222 -17.14 -12.06 -26.29
N VAL D 223 -17.42 -11.45 -27.44
CA VAL D 223 -17.04 -12.01 -28.77
C VAL D 223 -15.97 -11.10 -29.39
N ASN D 224 -16.20 -9.79 -29.37
CA ASN D 224 -15.34 -8.79 -30.06
C ASN D 224 -14.08 -8.45 -29.25
N GLY D 225 -14.12 -8.67 -27.93
CA GLY D 225 -12.95 -8.46 -27.04
C GLY D 225 -12.92 -7.07 -26.41
N SER D 226 -11.82 -6.77 -25.72
CA SER D 226 -11.60 -5.54 -24.92
C SER D 226 -11.68 -4.29 -25.81
N TRP D 227 -12.35 -3.24 -25.33
CA TRP D 227 -12.45 -1.93 -26.03
C TRP D 227 -11.04 -1.43 -26.34
N TYR D 228 -10.16 -1.44 -25.34
CA TYR D 228 -8.76 -0.95 -25.48
C TYR D 228 -8.10 -1.63 -26.69
N ILE D 229 -8.16 -2.96 -26.72
CA ILE D 229 -7.43 -3.78 -27.72
C ILE D 229 -8.09 -3.60 -29.09
N GLN D 230 -9.43 -3.57 -29.13
CA GLN D 230 -10.16 -3.34 -30.40
C GLN D 230 -9.59 -2.07 -31.03
N ASP D 231 -9.53 -0.99 -30.26
CA ASP D 231 -9.15 0.35 -30.80
C ASP D 231 -7.63 0.36 -31.03
N LEU D 232 -6.84 -0.25 -30.17
CA LEU D 232 -5.38 -0.37 -30.40
C LEU D 232 -5.17 -1.05 -31.76
N CYS D 233 -5.82 -2.19 -31.97
CA CYS D 233 -5.61 -3.03 -33.19
C CYS D 233 -6.12 -2.28 -34.43
N GLU D 234 -7.29 -1.64 -34.34
CA GLU D 234 -7.81 -0.81 -35.46
C GLU D 234 -6.73 0.22 -35.84
N MET D 235 -6.18 0.97 -34.88
CA MET D 235 -5.20 2.04 -35.17
C MET D 235 -3.90 1.42 -35.71
N LEU D 236 -3.47 0.27 -35.20
CA LEU D 236 -2.26 -0.41 -35.74
C LEU D 236 -2.48 -0.75 -37.23
N GLY D 237 -3.65 -1.28 -37.57
CA GLY D 237 -4.06 -1.55 -38.97
C GLY D 237 -3.94 -0.31 -39.84
N LYS D 238 -4.66 0.76 -39.49
CA LYS D 238 -4.69 2.02 -40.29
C LYS D 238 -3.31 2.69 -40.29
N TYR D 239 -2.60 2.77 -39.16
CA TYR D 239 -1.50 3.75 -38.97
C TYR D 239 -0.18 3.15 -38.41
N GLY D 240 -0.11 1.87 -38.08
CA GLY D 240 1.08 1.26 -37.43
C GLY D 240 2.38 1.59 -38.15
N SER D 241 2.35 1.51 -39.48
CA SER D 241 3.55 1.53 -40.35
C SER D 241 3.94 2.97 -40.71
N SER D 242 3.18 3.98 -40.27
CA SER D 242 3.42 5.42 -40.60
C SER D 242 3.63 6.25 -39.32
N LEU D 243 2.66 6.23 -38.41
CA LEU D 243 2.66 7.12 -37.22
C LEU D 243 3.72 6.70 -36.22
N GLU D 244 4.25 7.71 -35.52
CA GLU D 244 5.05 7.53 -34.29
C GLU D 244 4.17 6.82 -33.25
N PHE D 245 4.71 5.85 -32.53
CA PHE D 245 3.86 4.88 -31.79
C PHE D 245 3.07 5.62 -30.70
N THR D 246 3.67 6.62 -30.02
CA THR D 246 2.98 7.36 -28.94
C THR D 246 1.89 8.24 -29.55
N GLU D 247 2.05 8.80 -30.77
CA GLU D 247 0.94 9.59 -31.38
C GLU D 247 -0.22 8.63 -31.69
N LEU D 248 0.10 7.37 -32.02
CA LEU D 248 -0.92 6.32 -32.27
C LEU D 248 -1.64 6.00 -30.95
N LEU D 249 -0.88 5.79 -29.87
CA LEU D 249 -1.46 5.47 -28.53
C LEU D 249 -2.40 6.60 -28.09
N THR D 250 -2.09 7.84 -28.51
CA THR D 250 -2.90 9.05 -28.21
C THR D 250 -4.22 8.93 -28.96
N LEU D 251 -4.18 8.49 -30.22
CA LEU D 251 -5.41 8.19 -31.01
C LEU D 251 -6.24 7.14 -30.27
N VAL D 252 -5.60 6.10 -29.73
CA VAL D 252 -6.33 5.07 -28.95
C VAL D 252 -6.99 5.71 -27.73
N ASN D 253 -6.30 6.63 -27.05
CA ASN D 253 -6.86 7.36 -25.89
C ASN D 253 -8.12 8.09 -26.35
N ARG D 254 -8.08 8.75 -27.52
CA ARG D 254 -9.27 9.49 -28.01
C ARG D 254 -10.38 8.47 -28.29
N LYS D 255 -10.11 7.45 -29.10
CA LYS D 255 -11.13 6.46 -29.54
C LYS D 255 -11.84 5.88 -28.31
N VAL D 256 -11.09 5.43 -27.31
CA VAL D 256 -11.67 4.73 -26.14
C VAL D 256 -12.43 5.73 -25.26
N SER D 257 -11.89 6.94 -25.06
CA SER D 257 -12.49 7.97 -24.17
C SER D 257 -13.85 8.41 -24.76
N GLN D 258 -13.91 8.54 -26.09
CA GLN D 258 -15.11 8.94 -26.87
C GLN D 258 -16.19 7.85 -26.92
N ARG D 259 -15.89 6.59 -26.66
CA ARG D 259 -16.95 5.54 -26.62
C ARG D 259 -18.00 5.92 -25.55
N ARG D 260 -19.27 5.92 -25.96
CA ARG D 260 -20.45 6.36 -25.18
C ARG D 260 -20.82 5.27 -24.16
N VAL D 261 -21.21 5.70 -22.96
CA VAL D 261 -21.57 4.81 -21.83
C VAL D 261 -22.80 5.40 -21.10
N ASP D 262 -23.67 6.12 -21.84
CA ASP D 262 -24.89 6.79 -21.30
C ASP D 262 -26.14 5.91 -21.50
N PHE D 263 -26.31 5.28 -22.68
CA PHE D 263 -27.38 4.28 -22.96
C PHE D 263 -26.72 2.88 -23.05
N CYS D 264 -26.89 2.08 -21.98
CA CYS D 264 -26.35 0.70 -21.82
C CYS D 264 -27.49 -0.27 -21.50
N LYS D 265 -27.39 -1.52 -21.96
CA LYS D 265 -28.44 -2.56 -21.77
C LYS D 265 -28.50 -2.97 -20.30
N ASP D 266 -27.37 -2.95 -19.59
CA ASP D 266 -27.30 -3.07 -18.11
C ASP D 266 -27.38 -1.66 -17.51
N PRO D 267 -28.38 -1.34 -16.64
CA PRO D 267 -28.43 -0.03 -15.98
C PRO D 267 -27.17 0.37 -15.18
N SER D 268 -26.57 -0.57 -14.44
CA SER D 268 -25.48 -0.32 -13.46
C SER D 268 -24.14 -0.04 -14.17
N ALA D 269 -24.06 -0.23 -15.49
CA ALA D 269 -22.86 0.00 -16.32
C ALA D 269 -22.85 1.44 -16.87
N ILE D 270 -23.88 2.25 -16.57
CA ILE D 270 -24.03 3.64 -17.08
C ILE D 270 -23.05 4.56 -16.36
N GLY D 271 -22.43 5.49 -17.09
CA GLY D 271 -21.52 6.53 -16.55
C GLY D 271 -20.18 5.97 -16.12
N LYS D 272 -19.87 4.71 -16.49
CA LYS D 272 -18.58 4.04 -16.20
C LYS D 272 -17.64 4.28 -17.38
N LYS D 273 -17.01 5.46 -17.46
CA LYS D 273 -16.19 5.84 -18.66
C LYS D 273 -14.88 5.05 -18.65
N GLN D 274 -14.23 4.96 -19.81
CA GLN D 274 -12.91 4.31 -19.89
C GLN D 274 -11.91 5.29 -20.49
N VAL D 275 -10.85 5.57 -19.71
CA VAL D 275 -9.67 6.37 -20.12
C VAL D 275 -8.44 5.50 -19.99
N PRO D 276 -7.75 5.15 -21.09
CA PRO D 276 -6.47 4.45 -21.01
C PRO D 276 -5.38 5.49 -20.82
N CYS D 277 -4.18 5.03 -20.53
CA CYS D 277 -2.96 5.87 -20.55
C CYS D 277 -1.75 5.06 -20.97
N PHE D 278 -0.64 5.77 -21.19
CA PHE D 278 0.71 5.18 -21.29
C PHE D 278 1.69 6.00 -20.45
N ALA D 279 2.67 5.30 -19.91
CA ALA D 279 3.83 5.86 -19.20
C ALA D 279 5.05 5.67 -20.09
N SER D 280 5.60 6.76 -20.67
CA SER D 280 6.74 6.72 -21.62
C SER D 280 8.01 7.08 -20.86
N MET D 281 8.96 6.17 -20.85
CA MET D 281 10.37 6.44 -20.49
C MET D 281 11.19 6.38 -21.78
N LEU D 282 10.55 6.56 -22.94
CA LEU D 282 11.27 6.53 -24.23
C LEU D 282 12.13 7.80 -24.35
N THR D 283 13.20 7.71 -25.13
CA THR D 283 14.21 8.79 -25.28
C THR D 283 14.27 9.23 -26.74
N LYS D 284 13.49 8.62 -27.64
CA LYS D 284 13.51 8.95 -29.10
C LYS D 284 12.15 8.68 -29.71
N LYS D 285 11.93 9.20 -30.93
CA LYS D 285 10.70 8.94 -31.70
C LYS D 285 10.74 7.45 -32.09
N LEU D 286 9.59 6.77 -32.07
CA LEU D 286 9.49 5.30 -32.35
C LEU D 286 8.57 5.05 -33.54
N HIS D 287 9.10 4.49 -34.63
CA HIS D 287 8.33 4.18 -35.86
C HIS D 287 8.49 2.70 -36.22
N PHE D 288 7.45 2.14 -36.85
CA PHE D 288 7.47 0.72 -37.34
C PHE D 288 7.32 0.75 -38.86
N PHE D 289 8.17 1.53 -39.53
CA PHE D 289 8.22 1.61 -41.01
C PHE D 289 8.44 0.22 -41.57
N PRO D 290 7.83 -0.12 -42.73
CA PRO D 290 7.99 -1.44 -43.34
C PRO D 290 9.46 -1.79 -43.49
N LYS D 291 9.88 -3.00 -43.10
CA LYS D 291 11.30 -3.46 -43.21
C LYS D 291 11.57 -3.95 -44.64
N SER D 292 12.81 -3.79 -45.12
CA SER D 292 13.18 -3.84 -46.56
C SER D 292 13.46 -5.27 -47.03
N ASN D 293 12.48 -5.91 -47.68
CA ASN D 293 12.59 -7.30 -48.23
C ASN D 293 12.06 -7.32 -49.67
N1 XNK E . -2.36 -4.35 8.89
N1 XNK E . -0.13 -3.38 9.55
N3 XNK E . 0.18 -1.67 5.69
N3 XNK E . -1.73 -2.62 4.98
C4 XNK E . -5.70 -3.67 6.96
C4 XNK E . 3.53 -2.70 8.63
C5 XNK E . -6.10 -3.26 5.69
C5 XNK E . 4.27 -2.14 7.58
C6 XNK E . -7.19 -2.36 5.58
C6 XNK E . 5.40 -2.81 7.11
C7 XNK E . -2.24 -3.84 7.66
C7 XNK E . 0.05 -2.84 8.34
C8 XNK E . -1.50 -4.09 9.90
C8 XNK E . -1.25 -4.05 9.90
C10 XNK E . -0.21 -2.69 8.49
C10 XNK E . -2.19 -3.68 7.77
C13 XNK E . -1.13 -1.85 4.06
C13 XNK E . -0.21 -1.28 4.36
C1 XNK E . -7.85 -1.88 6.73
C1 XNK E . 5.81 -4.03 7.71
C2 XNK E . -7.47 -2.29 8.01
C2 XNK E . 5.09 -4.60 8.75
C3 XNK E . -6.39 -3.20 8.11
C3 XNK E . 3.93 -3.94 9.22
O1 XNK E . -6.06 -3.57 9.38
O1 XNK E . 3.25 -4.52 10.25
F XNK E . -8.90 -1.02 6.66
F XNK E . 6.93 -4.68 7.27
C9 XNK E . -0.39 -3.25 9.74
C9 XNK E . -2.32 -4.22 9.03
C11 XNK E . -1.12 -2.96 7.45
C11 XNK E . -1.03 -2.99 7.40
C12 XNK E . -0.88 -2.36 6.10
C12 XNK E . -0.92 -2.40 6.02
N2 XNK E . -1.72 -2.49 5.04
N2 XNK E . 0.05 -1.55 5.62
O2 XNK E . 0.05 -1.35 4.52
O2 XNK E . -1.33 -1.98 4.02
C14 XNK E . -4.54 -4.66 7.07
C14 XNK E . 2.28 -1.95 9.08
N4 XNK E . -3.21 -4.15 6.66
N4 XNK E . 1.26 -2.17 8.04
OH2 1PE F . -8.57 13.06 -12.10
C12 1PE F . -9.12 11.96 -12.86
C22 1PE F . -9.50 10.77 -12.01
OH3 1PE F . -10.90 10.46 -12.18
C13 1PE F . -12.72 9.72 -10.74
C23 1PE F . -11.36 9.40 -11.34
OH4 1PE F . -13.63 10.16 -11.74
C14 1PE F . -15.67 11.35 -12.19
C24 1PE F . -14.95 10.39 -11.27
OH5 1PE F . -15.18 11.24 -13.54
C15 1PE F . -15.47 13.18 -14.91
C25 1PE F . -16.02 11.84 -14.52
OH6 1PE F . -14.36 13.02 -15.78
C16 1PE F . -13.60 12.58 -18.02
C26 1PE F . -14.73 13.05 -17.16
OH7 1PE F . -12.44 12.24 -17.27
N1 XNK G . 0.19 4.20 -9.71
N1 XNK G . 2.74 3.56 -9.50
N3 XNK G . 1.77 1.87 -5.63
N3 XNK G . -0.24 2.80 -5.65
C4 XNK G . -3.37 3.66 -9.19
C4 XNK G . 5.94 3.26 -7.81
C5 XNK G . -4.34 2.99 -8.42
C5 XNK G . 6.67 3.13 -6.60
C6 XNK G . -5.23 2.10 -9.02
C6 XNK G . 7.58 4.09 -6.19
C7 XNK G . -0.04 3.72 -8.46
C7 XNK G . 2.56 3.03 -8.26
C8 XNK G . 1.41 4.22 -10.30
C8 XNK G . 1.78 4.17 -10.25
C10 XNK G . 2.36 3.22 -8.36
C10 XNK G . 0.23 3.82 -8.48
C13 XNK G . 0.06 2.21 -4.43
C13 XNK G . 1.07 1.59 -4.50
C1 XNK G . -5.14 1.87 -10.39
C1 XNK G . 7.77 5.21 -7.00
C2 XNK G . -4.17 2.51 -11.19
C2 XNK G . 7.09 5.38 -8.22
C3 XNK G . -3.26 3.41 -10.58
C3 XNK G . 6.16 4.40 -8.63
O1 XNK G . -2.28 4.04 -11.31
O1 XNK G . 5.47 4.58 -9.79
F XNK G . -6.01 1.02 -10.93
F XNK G . 8.67 6.14 -6.60
C9 XNK G . 2.54 3.73 -9.65
C9 XNK G . 0.48 4.32 -9.77
C11 XNK G . 1.09 3.20 -7.73
C11 XNK G . 1.23 3.16 -7.72
C12 XNK G . 0.94 2.64 -6.35
C12 XNK G . 0.87 2.65 -6.36
N2 XNK G . -0.16 2.86 -5.57
N2 XNK G . 1.71 1.86 -5.62
O2 XNK G . 1.28 1.60 -4.52
O2 XNK G . -0.14 2.20 -4.57
C14 XNK G . -2.43 4.59 -8.48
C14 XNK G . 4.96 2.15 -8.16
N4 XNK G . -1.35 3.76 -7.88
N4 XNK G . 3.63 2.38 -7.54
C1 EDO H . -0.09 -22.46 -25.71
O1 EDO H . -1.36 -23.07 -25.50
C2 EDO H . 0.80 -22.62 -24.55
O2 EDO H . 0.40 -23.71 -23.73
C1 PEG I . 18.90 2.29 -17.12
O1 PEG I . 17.50 1.99 -17.09
C2 PEG I . 19.78 1.06 -17.26
O2 PEG I . 19.30 0.03 -16.40
C3 PEG I . 20.18 -0.25 -15.31
C4 PEG I . 19.72 0.44 -14.07
O4 PEG I . 18.55 -0.18 -13.53
#